data_2EL4
#
_entry.id   2EL4
#
loop_
_entity.id
_entity.type
_entity.pdbx_description
1 polymer 'Zinc finger protein 268'
2 non-polymer 'ZINC ION'
#
_entity_poly.entity_id   1
_entity_poly.type   'polypeptide(L)'
_entity_poly.pdbx_seq_one_letter_code
;GSSGSSGTGVKPYGCSQCAKTFSLKSQLIVHQRSHTGVKPSGPSSG
;
_entity_poly.pdbx_strand_id   A
#
loop_
_chem_comp.id
_chem_comp.type
_chem_comp.name
_chem_comp.formula
ZN non-polymer 'ZINC ION' 'Zn 2'
#
# COMPACT_ATOMS: atom_id res chain seq x y z
N GLY A 1 -23.13 -2.66 -14.91
CA GLY A 1 -22.51 -1.47 -14.34
C GLY A 1 -21.62 -1.80 -13.16
N SER A 2 -21.02 -0.76 -12.57
CA SER A 2 -20.13 -0.94 -11.43
C SER A 2 -20.34 0.18 -10.41
N SER A 3 -20.58 -0.22 -9.15
CA SER A 3 -20.79 0.76 -8.08
C SER A 3 -19.50 1.49 -7.75
N GLY A 4 -19.64 2.66 -7.12
CA GLY A 4 -18.48 3.45 -6.77
C GLY A 4 -18.84 4.85 -6.32
N SER A 5 -17.85 5.61 -5.87
CA SER A 5 -18.09 6.97 -5.40
C SER A 5 -19.33 7.04 -4.53
N SER A 6 -19.49 6.05 -3.67
CA SER A 6 -20.65 6.00 -2.77
C SER A 6 -20.23 6.26 -1.33
N GLY A 7 -20.19 7.54 -0.96
CA GLY A 7 -19.81 7.90 0.39
C GLY A 7 -18.29 8.01 0.55
N THR A 8 -17.85 9.06 1.25
CA THR A 8 -16.43 9.28 1.47
C THR A 8 -15.89 8.33 2.53
N GLY A 9 -14.57 8.17 2.56
CA GLY A 9 -13.95 7.29 3.53
C GLY A 9 -12.52 6.94 3.17
N VAL A 10 -11.58 7.46 3.94
CA VAL A 10 -10.16 7.20 3.69
C VAL A 10 -9.45 6.76 4.97
N LYS A 11 -9.03 5.50 5.00
CA LYS A 11 -8.34 4.96 6.17
C LYS A 11 -7.12 5.80 6.52
N PRO A 12 -6.77 5.83 7.81
CA PRO A 12 -5.62 6.60 8.31
C PRO A 12 -4.29 5.99 7.87
N TYR A 13 -4.29 4.69 7.64
CA TYR A 13 -3.09 3.99 7.22
C TYR A 13 -3.18 3.58 5.75
N GLY A 14 -2.49 4.32 4.88
CA GLY A 14 -2.52 4.03 3.46
C GLY A 14 -1.12 4.07 2.85
N CYS A 15 -0.90 3.22 1.86
CA CYS A 15 0.39 3.16 1.18
C CYS A 15 0.43 4.13 0.01
N SER A 16 1.60 4.69 -0.25
CA SER A 16 1.78 5.64 -1.35
C SER A 16 2.21 4.93 -2.62
N GLN A 17 3.25 4.10 -2.51
CA GLN A 17 3.76 3.36 -3.66
C GLN A 17 2.62 2.73 -4.45
N CYS A 18 1.62 2.23 -3.72
CA CYS A 18 0.47 1.59 -4.36
C CYS A 18 -0.83 2.25 -3.92
N ALA A 19 -1.96 1.71 -4.38
CA ALA A 19 -3.26 2.24 -4.02
C ALA A 19 -3.98 1.33 -3.03
N LYS A 20 -3.21 0.71 -2.15
CA LYS A 20 -3.77 -0.19 -1.15
C LYS A 20 -3.71 0.44 0.24
N THR A 21 -4.85 0.46 0.93
CA THR A 21 -4.93 1.03 2.26
C THR A 21 -5.21 -0.04 3.30
N PHE A 22 -5.15 0.35 4.58
CA PHE A 22 -5.38 -0.58 5.68
C PHE A 22 -6.00 0.14 6.88
N SER A 23 -6.67 -0.62 7.73
CA SER A 23 -7.31 -0.05 8.91
C SER A 23 -6.37 -0.11 10.12
N LEU A 24 -5.65 -1.22 10.25
CA LEU A 24 -4.71 -1.40 11.35
C LEU A 24 -3.30 -1.03 10.93
N LYS A 25 -2.63 -0.24 11.77
CA LYS A 25 -1.27 0.20 11.49
C LYS A 25 -0.35 -1.00 11.28
N SER A 26 -0.45 -1.98 12.18
CA SER A 26 0.38 -3.18 12.09
C SER A 26 0.43 -3.70 10.66
N GLN A 27 -0.70 -3.62 9.97
CA GLN A 27 -0.79 -4.09 8.59
C GLN A 27 0.08 -3.23 7.67
N LEU A 28 0.01 -1.92 7.85
CA LEU A 28 0.78 -0.99 7.03
C LEU A 28 2.27 -1.10 7.36
N ILE A 29 2.60 -0.89 8.63
CA ILE A 29 3.99 -0.97 9.07
C ILE A 29 4.72 -2.13 8.41
N VAL A 30 4.03 -3.25 8.28
CA VAL A 30 4.60 -4.43 7.65
C VAL A 30 4.56 -4.34 6.14
N HIS A 31 3.42 -3.90 5.61
CA HIS A 31 3.24 -3.77 4.16
C HIS A 31 4.36 -2.91 3.57
N GLN A 32 4.56 -1.73 4.15
CA GLN A 32 5.59 -0.82 3.67
C GLN A 32 6.88 -1.56 3.34
N ARG A 33 7.08 -2.70 4.00
CA ARG A 33 8.27 -3.50 3.79
C ARG A 33 8.08 -4.47 2.61
N SER A 34 7.44 -3.97 1.55
CA SER A 34 7.18 -4.79 0.37
C SER A 34 7.68 -4.09 -0.89
N HIS A 35 7.65 -2.76 -0.87
CA HIS A 35 8.10 -1.97 -2.02
C HIS A 35 9.60 -1.68 -1.92
N THR A 36 10.36 -2.66 -1.44
CA THR A 36 11.79 -2.51 -1.30
C THR A 36 12.48 -3.86 -1.10
N GLY A 37 13.67 -4.01 -1.65
CA GLY A 37 14.41 -5.26 -1.52
C GLY A 37 14.46 -6.04 -2.82
N VAL A 38 13.79 -7.19 -2.84
CA VAL A 38 13.76 -8.03 -4.03
C VAL A 38 13.43 -7.22 -5.27
N LYS A 39 14.25 -7.38 -6.31
CA LYS A 39 14.04 -6.66 -7.56
C LYS A 39 13.74 -7.62 -8.70
N PRO A 40 12.93 -7.16 -9.67
CA PRO A 40 12.55 -7.97 -10.84
C PRO A 40 13.73 -8.20 -11.78
N SER A 41 13.60 -9.22 -12.63
CA SER A 41 14.66 -9.56 -13.59
C SER A 41 15.17 -8.31 -14.28
N GLY A 42 16.48 -8.24 -14.47
CA GLY A 42 17.07 -7.09 -15.13
C GLY A 42 18.30 -7.46 -15.93
N PRO A 43 19.48 -7.37 -15.31
CA PRO A 43 20.76 -7.69 -15.95
C PRO A 43 20.90 -9.19 -16.23
N SER A 44 21.44 -9.52 -17.40
CA SER A 44 21.63 -10.91 -17.79
C SER A 44 22.91 -11.47 -17.18
N SER A 45 23.99 -10.69 -17.22
CA SER A 45 25.27 -11.11 -16.68
C SER A 45 25.43 -10.63 -15.24
N GLY A 46 24.35 -10.74 -14.45
CA GLY A 46 24.39 -10.31 -13.07
C GLY A 46 24.02 -11.41 -12.11
ZN ZN B . 2.02 -0.50 -1.01
N GLY A 1 -29.41 -1.95 -1.26
CA GLY A 1 -28.50 -1.68 -2.35
C GLY A 1 -27.74 -0.38 -2.15
N SER A 2 -26.63 -0.44 -1.45
CA SER A 2 -25.81 0.74 -1.19
C SER A 2 -24.99 1.12 -2.42
N SER A 3 -25.42 2.16 -3.12
CA SER A 3 -24.74 2.62 -4.32
C SER A 3 -23.50 3.42 -3.95
N GLY A 4 -22.37 2.74 -3.79
CA GLY A 4 -21.13 3.40 -3.44
C GLY A 4 -20.09 3.28 -4.53
N SER A 5 -19.72 4.42 -5.12
CA SER A 5 -18.72 4.45 -6.19
C SER A 5 -17.32 4.45 -5.62
N SER A 6 -17.09 5.30 -4.61
CA SER A 6 -15.78 5.41 -3.99
C SER A 6 -15.56 4.26 -3.01
N GLY A 7 -16.48 4.10 -2.06
CA GLY A 7 -16.35 3.03 -1.08
C GLY A 7 -16.54 3.53 0.34
N THR A 8 -17.70 3.23 0.92
CA THR A 8 -17.99 3.65 2.29
C THR A 8 -17.14 2.89 3.30
N GLY A 9 -16.03 3.50 3.71
CA GLY A 9 -15.14 2.87 4.67
C GLY A 9 -13.75 3.49 4.68
N VAL A 10 -13.71 4.82 4.60
CA VAL A 10 -12.44 5.54 4.61
C VAL A 10 -11.50 5.00 5.68
N LYS A 11 -10.24 4.78 5.30
CA LYS A 11 -9.25 4.27 6.24
C LYS A 11 -8.20 5.33 6.55
N PRO A 12 -7.72 5.35 7.81
CA PRO A 12 -6.70 6.30 8.25
C PRO A 12 -5.34 6.03 7.63
N TYR A 13 -4.89 4.79 7.72
CA TYR A 13 -3.60 4.39 7.17
C TYR A 13 -3.73 3.99 5.71
N GLY A 14 -2.63 4.10 4.97
CA GLY A 14 -2.64 3.74 3.56
C GLY A 14 -1.26 3.85 2.92
N CYS A 15 -1.05 3.09 1.87
CA CYS A 15 0.23 3.08 1.16
C CYS A 15 0.28 4.23 0.16
N SER A 16 1.50 4.73 -0.10
CA SER A 16 1.69 5.83 -1.04
C SER A 16 2.18 5.31 -2.39
N GLN A 17 3.26 4.54 -2.36
CA GLN A 17 3.84 3.97 -3.57
C GLN A 17 2.79 3.23 -4.38
N CYS A 18 1.94 2.49 -3.70
CA CYS A 18 0.88 1.73 -4.35
C CYS A 18 -0.49 2.14 -3.84
N ALA A 19 -1.53 1.48 -4.33
CA ALA A 19 -2.90 1.78 -3.92
C ALA A 19 -3.45 0.69 -3.02
N LYS A 20 -3.23 0.83 -1.72
CA LYS A 20 -3.71 -0.15 -0.75
C LYS A 20 -3.87 0.48 0.63
N THR A 21 -5.13 0.62 1.07
CA THR A 21 -5.41 1.21 2.37
C THR A 21 -5.41 0.16 3.47
N PHE A 22 -5.09 0.58 4.68
CA PHE A 22 -5.04 -0.33 5.82
C PHE A 22 -5.81 0.24 7.02
N SER A 23 -6.45 -0.65 7.78
CA SER A 23 -7.23 -0.22 8.94
C SER A 23 -6.33 -0.05 10.16
N LEU A 24 -5.40 -0.98 10.33
CA LEU A 24 -4.47 -0.93 11.46
C LEU A 24 -3.06 -0.63 10.99
N LYS A 25 -2.39 0.30 11.66
CA LYS A 25 -1.03 0.68 11.32
C LYS A 25 -0.15 -0.55 11.12
N SER A 26 -0.30 -1.52 12.03
CA SER A 26 0.48 -2.75 11.96
C SER A 26 0.52 -3.29 10.53
N GLN A 27 -0.65 -3.46 9.93
CA GLN A 27 -0.75 -3.96 8.56
C GLN A 27 0.15 -3.16 7.62
N LEU A 28 0.00 -1.83 7.66
CA LEU A 28 0.79 -0.96 6.82
C LEU A 28 2.28 -1.13 7.07
N ILE A 29 2.66 -1.13 8.34
CA ILE A 29 4.05 -1.29 8.73
C ILE A 29 4.67 -2.50 8.03
N VAL A 30 4.02 -3.65 8.13
CA VAL A 30 4.51 -4.87 7.50
C VAL A 30 4.50 -4.74 5.98
N HIS A 31 3.44 -4.15 5.44
CA HIS A 31 3.30 -3.96 4.01
C HIS A 31 4.48 -3.15 3.45
N GLN A 32 4.85 -2.09 4.15
CA GLN A 32 5.94 -1.24 3.73
C GLN A 32 7.16 -2.07 3.36
N ARG A 33 7.27 -3.26 3.95
CA ARG A 33 8.39 -4.15 3.69
C ARG A 33 8.12 -5.01 2.46
N SER A 34 7.56 -4.40 1.42
CA SER A 34 7.24 -5.12 0.19
C SER A 34 7.77 -4.36 -1.03
N HIS A 35 7.77 -3.05 -0.95
CA HIS A 35 8.25 -2.21 -2.04
C HIS A 35 9.76 -2.00 -1.93
N THR A 36 10.47 -3.05 -1.55
CA THR A 36 11.92 -2.98 -1.40
C THR A 36 12.63 -3.60 -2.60
N GLY A 37 13.90 -3.26 -2.79
CA GLY A 37 14.66 -3.80 -3.90
C GLY A 37 13.87 -3.79 -5.20
N VAL A 38 14.06 -2.74 -5.99
CA VAL A 38 13.36 -2.62 -7.27
C VAL A 38 14.26 -3.05 -8.43
N LYS A 39 13.73 -3.92 -9.28
CA LYS A 39 14.48 -4.41 -10.43
C LYS A 39 14.82 -3.26 -11.39
N PRO A 40 16.01 -3.34 -12.01
CA PRO A 40 16.47 -2.33 -12.96
C PRO A 40 15.68 -2.35 -14.26
N SER A 41 14.60 -1.56 -14.31
CA SER A 41 13.77 -1.48 -15.50
C SER A 41 14.11 -0.26 -16.35
N GLY A 42 14.10 0.91 -15.72
CA GLY A 42 14.42 2.13 -16.42
C GLY A 42 13.83 3.36 -15.74
N PRO A 43 12.54 3.61 -15.97
CA PRO A 43 11.83 4.76 -15.39
C PRO A 43 11.64 4.61 -13.89
N SER A 44 11.55 3.37 -13.42
CA SER A 44 11.36 3.11 -12.00
C SER A 44 12.47 3.73 -11.17
N SER A 45 12.09 4.51 -10.17
CA SER A 45 13.05 5.17 -9.30
C SER A 45 12.63 5.09 -7.84
N GLY A 46 13.58 4.81 -6.96
CA GLY A 46 13.29 4.71 -5.54
C GLY A 46 14.08 5.69 -4.71
ZN ZN B . 2.10 -0.67 -1.02
N GLY A 1 -16.28 -0.86 -12.70
CA GLY A 1 -16.29 -1.87 -11.66
C GLY A 1 -17.48 -2.80 -11.76
N SER A 2 -17.35 -3.83 -12.59
CA SER A 2 -18.43 -4.79 -12.79
C SER A 2 -18.18 -6.06 -11.97
N SER A 3 -19.01 -6.28 -10.96
CA SER A 3 -18.88 -7.45 -10.10
C SER A 3 -17.45 -7.59 -9.59
N GLY A 4 -16.83 -6.47 -9.25
CA GLY A 4 -15.46 -6.49 -8.75
C GLY A 4 -15.25 -5.51 -7.61
N SER A 5 -15.16 -4.23 -7.94
CA SER A 5 -14.94 -3.19 -6.93
C SER A 5 -15.88 -3.40 -5.74
N SER A 6 -15.28 -3.69 -4.58
CA SER A 6 -16.05 -3.91 -3.36
C SER A 6 -16.59 -2.59 -2.80
N GLY A 7 -15.68 -1.66 -2.54
CA GLY A 7 -16.08 -0.36 -2.02
C GLY A 7 -16.58 -0.45 -0.58
N THR A 8 -15.75 -1.00 0.29
CA THR A 8 -16.11 -1.15 1.70
C THR A 8 -15.45 -0.07 2.55
N GLY A 9 -16.03 1.13 2.53
CA GLY A 9 -15.48 2.23 3.30
C GLY A 9 -14.02 2.48 3.00
N VAL A 10 -13.40 3.38 3.77
CA VAL A 10 -12.00 3.70 3.58
C VAL A 10 -11.27 3.80 4.92
N LYS A 11 -10.07 3.23 4.98
CA LYS A 11 -9.27 3.24 6.20
C LYS A 11 -8.47 4.54 6.30
N PRO A 12 -8.14 4.93 7.54
CA PRO A 12 -7.37 6.15 7.80
C PRO A 12 -5.92 6.02 7.36
N TYR A 13 -5.45 4.78 7.22
CA TYR A 13 -4.08 4.53 6.81
C TYR A 13 -4.03 4.12 5.33
N GLY A 14 -2.89 4.40 4.69
CA GLY A 14 -2.74 4.06 3.29
C GLY A 14 -1.28 4.05 2.85
N CYS A 15 -0.97 3.22 1.87
CA CYS A 15 0.40 3.12 1.37
C CYS A 15 0.66 4.17 0.30
N SER A 16 1.90 4.67 0.26
CA SER A 16 2.28 5.69 -0.70
C SER A 16 2.78 5.05 -2.00
N GLN A 17 3.71 4.13 -1.88
CA GLN A 17 4.27 3.44 -3.04
C GLN A 17 3.16 2.99 -3.99
N CYS A 18 2.08 2.47 -3.41
CA CYS A 18 0.94 2.00 -4.20
C CYS A 18 -0.38 2.44 -3.57
N ALA A 19 -1.48 2.10 -4.22
CA ALA A 19 -2.81 2.45 -3.73
C ALA A 19 -3.39 1.34 -2.87
N LYS A 20 -3.01 1.31 -1.59
CA LYS A 20 -3.49 0.31 -0.67
C LYS A 20 -4.06 0.95 0.59
N THR A 21 -4.82 0.17 1.37
CA THR A 21 -5.42 0.66 2.59
C THR A 21 -5.40 -0.40 3.69
N PHE A 22 -5.25 0.03 4.93
CA PHE A 22 -5.23 -0.89 6.06
C PHE A 22 -5.90 -0.26 7.28
N SER A 23 -6.56 -1.10 8.08
CA SER A 23 -7.25 -0.64 9.28
C SER A 23 -6.26 -0.37 10.41
N LEU A 24 -5.35 -1.31 10.63
CA LEU A 24 -4.34 -1.16 11.67
C LEU A 24 -3.02 -0.67 11.10
N LYS A 25 -2.48 0.39 11.69
CA LYS A 25 -1.22 0.96 11.24
C LYS A 25 -0.16 -0.14 11.05
N SER A 26 -0.06 -1.02 12.03
CA SER A 26 0.90 -2.12 11.98
C SER A 26 0.88 -2.80 10.61
N GLN A 27 -0.33 -3.08 10.12
CA GLN A 27 -0.50 -3.74 8.83
C GLN A 27 0.25 -2.97 7.74
N LEU A 28 0.04 -1.66 7.68
CA LEU A 28 0.69 -0.82 6.68
C LEU A 28 2.20 -0.96 6.77
N ILE A 29 2.76 -0.75 7.96
CA ILE A 29 4.19 -0.85 8.17
C ILE A 29 4.73 -2.18 7.65
N VAL A 30 4.04 -3.26 7.99
CA VAL A 30 4.44 -4.59 7.56
C VAL A 30 4.35 -4.73 6.05
N HIS A 31 3.25 -4.25 5.48
CA HIS A 31 3.03 -4.32 4.04
C HIS A 31 4.18 -3.65 3.29
N GLN A 32 4.58 -2.47 3.74
CA GLN A 32 5.67 -1.74 3.12
C GLN A 32 6.79 -2.68 2.69
N ARG A 33 7.12 -3.62 3.56
CA ARG A 33 8.18 -4.58 3.27
C ARG A 33 7.95 -5.25 1.92
N SER A 34 6.72 -5.67 1.68
CA SER A 34 6.36 -6.34 0.43
C SER A 34 7.16 -5.75 -0.73
N HIS A 35 7.19 -4.43 -0.82
CA HIS A 35 7.92 -3.75 -1.89
C HIS A 35 9.36 -4.24 -1.96
N THR A 36 10.08 -4.11 -0.85
CA THR A 36 11.47 -4.54 -0.80
C THR A 36 11.72 -5.43 0.41
N GLY A 37 12.40 -6.55 0.18
CA GLY A 37 12.69 -7.47 1.27
C GLY A 37 12.32 -8.91 0.92
N VAL A 38 12.79 -9.38 -0.22
CA VAL A 38 12.50 -10.74 -0.66
C VAL A 38 13.07 -11.76 0.31
N LYS A 39 14.32 -11.55 0.73
CA LYS A 39 14.97 -12.46 1.66
C LYS A 39 15.91 -11.69 2.59
N PRO A 40 16.07 -12.21 3.82
CA PRO A 40 16.94 -11.59 4.82
C PRO A 40 18.42 -11.71 4.47
N SER A 41 18.79 -12.84 3.87
CA SER A 41 20.17 -13.09 3.48
C SER A 41 20.26 -13.56 2.03
N GLY A 42 20.76 -12.68 1.17
CA GLY A 42 20.89 -13.02 -0.24
C GLY A 42 21.85 -12.12 -0.97
N PRO A 43 23.16 -12.46 -0.89
CA PRO A 43 24.22 -11.69 -1.54
C PRO A 43 24.19 -11.82 -3.05
N SER A 44 23.40 -10.97 -3.70
CA SER A 44 23.27 -11.00 -5.15
C SER A 44 23.58 -9.63 -5.76
N SER A 45 23.67 -9.57 -7.08
CA SER A 45 23.96 -8.32 -7.78
C SER A 45 22.69 -7.73 -8.39
N GLY A 46 22.78 -6.47 -8.81
CA GLY A 46 21.63 -5.81 -9.41
C GLY A 46 21.88 -4.34 -9.64
ZN ZN B . 2.58 -0.63 -0.86
N GLY A 1 -17.20 -9.00 -16.04
CA GLY A 1 -16.70 -8.52 -14.77
C GLY A 1 -17.71 -7.67 -14.03
N SER A 2 -17.44 -7.38 -12.77
CA SER A 2 -18.34 -6.58 -11.95
C SER A 2 -17.64 -6.09 -10.68
N SER A 3 -18.25 -5.11 -10.01
CA SER A 3 -17.68 -4.56 -8.79
C SER A 3 -18.50 -4.96 -7.57
N GLY A 4 -17.83 -5.49 -6.56
CA GLY A 4 -18.52 -5.91 -5.35
C GLY A 4 -17.57 -6.11 -4.18
N SER A 5 -17.14 -5.01 -3.57
CA SER A 5 -16.22 -5.08 -2.44
C SER A 5 -16.87 -4.51 -1.18
N SER A 6 -16.67 -5.19 -0.05
CA SER A 6 -17.23 -4.74 1.22
C SER A 6 -16.36 -3.67 1.85
N GLY A 7 -16.67 -2.41 1.55
CA GLY A 7 -15.90 -1.30 2.10
C GLY A 7 -16.77 -0.33 2.86
N THR A 8 -16.43 -0.09 4.12
CA THR A 8 -17.19 0.82 4.97
C THR A 8 -16.34 2.04 5.36
N GLY A 9 -16.35 3.05 4.50
CA GLY A 9 -15.58 4.26 4.76
C GLY A 9 -14.09 4.04 4.59
N VAL A 10 -13.48 4.83 3.70
CA VAL A 10 -12.06 4.72 3.45
C VAL A 10 -11.26 4.69 4.74
N LYS A 11 -10.36 3.71 4.85
CA LYS A 11 -9.53 3.57 6.04
C LYS A 11 -8.57 4.75 6.18
N PRO A 12 -8.15 5.02 7.43
CA PRO A 12 -7.22 6.12 7.73
C PRO A 12 -5.81 5.85 7.20
N TYR A 13 -5.31 4.64 7.47
CA TYR A 13 -3.98 4.26 7.03
C TYR A 13 -3.98 3.83 5.56
N GLY A 14 -2.84 3.95 4.91
CA GLY A 14 -2.75 3.58 3.51
C GLY A 14 -1.31 3.60 3.01
N CYS A 15 -1.08 3.00 1.84
CA CYS A 15 0.24 2.95 1.25
C CYS A 15 0.41 4.03 0.18
N SER A 16 1.57 4.68 0.18
CA SER A 16 1.84 5.73 -0.78
C SER A 16 2.44 5.16 -2.07
N GLN A 17 3.35 4.20 -1.91
CA GLN A 17 3.99 3.56 -3.06
C GLN A 17 2.95 3.01 -4.01
N CYS A 18 1.86 2.49 -3.48
CA CYS A 18 0.78 1.92 -4.29
C CYS A 18 -0.57 2.15 -3.63
N ALA A 19 -1.58 2.40 -4.46
CA ALA A 19 -2.93 2.63 -3.96
C ALA A 19 -3.40 1.48 -3.08
N LYS A 20 -3.20 1.63 -1.77
CA LYS A 20 -3.60 0.59 -0.83
C LYS A 20 -4.16 1.22 0.45
N THR A 21 -4.83 0.41 1.26
CA THR A 21 -5.41 0.88 2.50
C THR A 21 -5.29 -0.16 3.61
N PHE A 22 -5.35 0.28 4.86
CA PHE A 22 -5.25 -0.61 6.00
C PHE A 22 -6.03 -0.07 7.20
N SER A 23 -6.57 -0.98 8.00
CA SER A 23 -7.34 -0.60 9.17
C SER A 23 -6.42 -0.19 10.32
N LEU A 24 -5.28 -0.85 10.42
CA LEU A 24 -4.31 -0.56 11.48
C LEU A 24 -2.94 -0.26 10.88
N LYS A 25 -2.24 0.69 11.48
CA LYS A 25 -0.90 1.08 11.02
C LYS A 25 0.01 -0.13 10.94
N SER A 26 0.01 -0.94 12.00
CA SER A 26 0.84 -2.14 12.06
C SER A 26 0.80 -2.89 10.74
N GLN A 27 -0.41 -3.19 10.27
CA GLN A 27 -0.57 -3.91 9.01
C GLN A 27 0.17 -3.22 7.88
N LEU A 28 -0.01 -1.91 7.77
CA LEU A 28 0.66 -1.13 6.73
C LEU A 28 2.18 -1.25 6.83
N ILE A 29 2.69 -1.11 8.06
CA ILE A 29 4.13 -1.22 8.29
C ILE A 29 4.70 -2.48 7.68
N VAL A 30 4.06 -3.61 7.96
CA VAL A 30 4.51 -4.90 7.43
C VAL A 30 4.54 -4.88 5.91
N HIS A 31 3.47 -4.36 5.30
CA HIS A 31 3.37 -4.27 3.85
C HIS A 31 4.58 -3.54 3.27
N GLN A 32 4.86 -2.35 3.79
CA GLN A 32 5.98 -1.55 3.32
C GLN A 32 7.23 -2.41 3.14
N ARG A 33 7.35 -3.46 3.95
CA ARG A 33 8.49 -4.36 3.88
C ARG A 33 8.29 -5.41 2.79
N SER A 34 7.74 -4.98 1.66
CA SER A 34 7.49 -5.89 0.55
C SER A 34 7.98 -5.29 -0.76
N HIS A 35 7.88 -3.97 -0.88
CA HIS A 35 8.32 -3.27 -2.08
C HIS A 35 9.79 -3.59 -2.38
N THR A 36 10.65 -3.35 -1.40
CA THR A 36 12.08 -3.61 -1.57
C THR A 36 12.32 -4.95 -2.25
N GLY A 37 13.39 -5.02 -3.03
CA GLY A 37 13.72 -6.25 -3.73
C GLY A 37 12.75 -6.55 -4.85
N VAL A 38 12.29 -7.80 -4.92
CA VAL A 38 11.35 -8.21 -5.96
C VAL A 38 10.41 -9.30 -5.44
N LYS A 39 9.27 -9.45 -6.11
CA LYS A 39 8.29 -10.45 -5.72
C LYS A 39 7.90 -11.33 -6.91
N PRO A 40 8.74 -12.32 -7.20
CA PRO A 40 8.51 -13.25 -8.32
C PRO A 40 7.33 -14.18 -8.06
N SER A 41 6.14 -13.74 -8.43
CA SER A 41 4.93 -14.55 -8.24
C SER A 41 4.66 -15.43 -9.45
N GLY A 42 4.40 -16.71 -9.20
CA GLY A 42 4.13 -17.64 -10.27
C GLY A 42 3.47 -18.91 -9.79
N PRO A 43 4.27 -19.95 -9.53
CA PRO A 43 3.77 -21.24 -9.06
C PRO A 43 3.24 -21.17 -7.63
N SER A 44 2.30 -22.06 -7.30
CA SER A 44 1.71 -22.09 -5.98
C SER A 44 1.11 -23.47 -5.68
N SER A 45 1.02 -23.80 -4.40
CA SER A 45 0.46 -25.09 -3.98
C SER A 45 -0.83 -25.39 -4.73
N GLY A 46 -0.92 -26.58 -5.31
CA GLY A 46 -2.09 -26.98 -6.04
C GLY A 46 -3.37 -26.73 -5.26
ZN ZN B . 2.65 -0.67 -1.06
N GLY A 1 -17.59 -0.57 -12.20
CA GLY A 1 -18.33 -1.74 -12.65
C GLY A 1 -18.22 -2.90 -11.68
N SER A 2 -18.48 -2.64 -10.41
CA SER A 2 -18.40 -3.67 -9.38
C SER A 2 -19.79 -4.14 -8.97
N SER A 3 -19.89 -5.41 -8.56
CA SER A 3 -21.16 -5.98 -8.14
C SER A 3 -21.38 -5.79 -6.65
N GLY A 4 -21.04 -4.60 -6.15
CA GLY A 4 -21.21 -4.31 -4.74
C GLY A 4 -20.62 -2.98 -4.35
N SER A 5 -21.47 -1.96 -4.23
CA SER A 5 -21.03 -0.63 -3.87
C SER A 5 -21.20 -0.39 -2.37
N SER A 6 -20.84 -1.39 -1.57
CA SER A 6 -20.97 -1.29 -0.12
C SER A 6 -19.60 -1.04 0.52
N GLY A 7 -19.27 0.23 0.70
CA GLY A 7 -17.99 0.59 1.30
C GLY A 7 -17.54 1.98 0.91
N THR A 8 -18.08 3.00 1.59
CA THR A 8 -17.73 4.38 1.31
C THR A 8 -16.56 4.83 2.18
N GLY A 9 -16.71 4.70 3.49
CA GLY A 9 -15.67 5.10 4.41
C GLY A 9 -14.32 4.50 4.04
N VAL A 10 -13.28 5.33 4.08
CA VAL A 10 -11.93 4.88 3.74
C VAL A 10 -11.05 4.83 4.99
N LYS A 11 -10.07 3.93 4.97
CA LYS A 11 -9.15 3.78 6.10
C LYS A 11 -8.24 4.99 6.23
N PRO A 12 -7.81 5.28 7.46
CA PRO A 12 -6.92 6.41 7.74
C PRO A 12 -5.51 6.20 7.18
N TYR A 13 -5.04 4.96 7.25
CA TYR A 13 -3.70 4.63 6.75
C TYR A 13 -3.75 4.24 5.28
N GLY A 14 -2.75 4.67 4.52
CA GLY A 14 -2.70 4.36 3.10
C GLY A 14 -1.28 4.33 2.58
N CYS A 15 -0.90 3.22 1.96
CA CYS A 15 0.44 3.07 1.41
C CYS A 15 0.71 4.13 0.33
N SER A 16 1.96 4.55 0.21
CA SER A 16 2.34 5.54 -0.77
C SER A 16 2.63 4.91 -2.13
N GLN A 17 3.59 3.98 -2.14
CA GLN A 17 3.96 3.29 -3.37
C GLN A 17 2.71 2.85 -4.14
N CYS A 18 1.74 2.31 -3.43
CA CYS A 18 0.50 1.85 -4.04
C CYS A 18 -0.71 2.47 -3.35
N ALA A 19 -1.90 2.12 -3.84
CA ALA A 19 -3.14 2.65 -3.27
C ALA A 19 -3.81 1.62 -2.37
N LYS A 20 -3.00 0.91 -1.59
CA LYS A 20 -3.52 -0.11 -0.69
C LYS A 20 -3.56 0.41 0.75
N THR A 21 -4.77 0.54 1.28
CA THR A 21 -4.96 1.03 2.65
C THR A 21 -5.07 -0.12 3.63
N PHE A 22 -4.86 0.17 4.91
CA PHE A 22 -4.95 -0.84 5.96
C PHE A 22 -5.61 -0.28 7.21
N SER A 23 -6.66 -0.95 7.67
CA SER A 23 -7.39 -0.52 8.85
C SER A 23 -6.44 -0.30 10.02
N LEU A 24 -5.52 -1.25 10.21
CA LEU A 24 -4.54 -1.16 11.30
C LEU A 24 -3.18 -0.73 10.77
N LYS A 25 -2.51 0.15 11.51
CA LYS A 25 -1.19 0.63 11.11
C LYS A 25 -0.16 -0.50 11.17
N SER A 26 -0.27 -1.35 12.17
CA SER A 26 0.64 -2.47 12.33
C SER A 26 0.71 -3.32 11.06
N GLN A 27 -0.37 -3.25 10.26
CA GLN A 27 -0.43 -4.00 9.02
C GLN A 27 0.29 -3.27 7.90
N LEU A 28 -0.04 -2.00 7.71
CA LEU A 28 0.59 -1.18 6.68
C LEU A 28 2.11 -1.20 6.82
N ILE A 29 2.58 -1.00 8.05
CA ILE A 29 4.01 -1.00 8.32
C ILE A 29 4.69 -2.23 7.75
N VAL A 30 4.13 -3.40 8.06
CA VAL A 30 4.69 -4.66 7.57
C VAL A 30 4.55 -4.77 6.05
N HIS A 31 3.41 -4.35 5.53
CA HIS A 31 3.15 -4.40 4.10
C HIS A 31 4.21 -3.59 3.33
N GLN A 32 4.33 -2.31 3.68
CA GLN A 32 5.29 -1.44 3.02
C GLN A 32 6.60 -2.18 2.74
N ARG A 33 7.08 -2.93 3.73
CA ARG A 33 8.32 -3.68 3.59
C ARG A 33 8.26 -4.59 2.35
N SER A 34 7.11 -5.23 2.15
CA SER A 34 6.94 -6.13 1.02
C SER A 34 7.53 -5.53 -0.25
N HIS A 35 7.26 -4.25 -0.47
CA HIS A 35 7.76 -3.55 -1.64
C HIS A 35 9.26 -3.82 -1.84
N THR A 36 10.04 -3.50 -0.82
CA THR A 36 11.48 -3.71 -0.87
C THR A 36 11.87 -5.07 -0.31
N GLY A 37 12.64 -5.83 -1.09
CA GLY A 37 13.06 -7.15 -0.65
C GLY A 37 14.53 -7.19 -0.26
N VAL A 38 15.28 -8.07 -0.91
CA VAL A 38 16.71 -8.20 -0.62
C VAL A 38 17.53 -8.23 -1.91
N LYS A 39 17.01 -8.92 -2.91
CA LYS A 39 17.70 -9.03 -4.20
C LYS A 39 18.01 -7.64 -4.76
N PRO A 40 19.17 -7.52 -5.42
CA PRO A 40 19.62 -6.25 -6.02
C PRO A 40 18.78 -5.86 -7.23
N SER A 41 18.10 -6.84 -7.81
CA SER A 41 17.27 -6.60 -8.99
C SER A 41 15.79 -6.80 -8.65
N GLY A 42 14.93 -6.58 -9.64
CA GLY A 42 13.50 -6.74 -9.43
C GLY A 42 12.70 -5.59 -9.99
N PRO A 43 11.36 -5.69 -9.89
CA PRO A 43 10.45 -4.65 -10.39
C PRO A 43 10.52 -3.37 -9.56
N SER A 44 11.19 -3.45 -8.42
CA SER A 44 11.33 -2.30 -7.52
C SER A 44 12.80 -1.91 -7.36
N SER A 45 13.53 -1.92 -8.46
CA SER A 45 14.95 -1.57 -8.44
C SER A 45 15.30 -0.64 -9.59
N GLY A 46 16.30 0.21 -9.38
CA GLY A 46 16.72 1.15 -10.41
C GLY A 46 15.81 2.34 -10.50
ZN ZN B . 2.19 -0.70 -0.67
N GLY A 1 -10.07 16.90 -11.84
CA GLY A 1 -9.32 18.04 -11.34
C GLY A 1 -8.15 17.63 -10.48
N SER A 2 -6.96 17.65 -11.07
CA SER A 2 -5.74 17.28 -10.35
C SER A 2 -5.47 18.23 -9.19
N SER A 3 -5.10 17.68 -8.04
CA SER A 3 -4.82 18.48 -6.86
C SER A 3 -3.60 17.95 -6.12
N GLY A 4 -3.03 18.78 -5.25
CA GLY A 4 -1.85 18.38 -4.49
C GLY A 4 -2.22 17.86 -3.11
N SER A 5 -3.30 17.09 -3.02
CA SER A 5 -3.75 16.55 -1.74
C SER A 5 -4.11 15.07 -1.89
N SER A 6 -3.16 14.21 -1.52
CA SER A 6 -3.37 12.77 -1.61
C SER A 6 -3.90 12.21 -0.28
N GLY A 7 -5.22 12.25 -0.12
CA GLY A 7 -5.83 11.75 1.09
C GLY A 7 -7.31 11.46 0.92
N THR A 8 -7.66 10.70 -0.12
CA THR A 8 -9.04 10.36 -0.39
C THR A 8 -9.32 8.89 -0.09
N GLY A 9 -9.74 8.61 1.15
CA GLY A 9 -10.02 7.25 1.54
C GLY A 9 -10.69 7.18 2.90
N VAL A 10 -11.48 6.14 3.11
CA VAL A 10 -12.19 5.95 4.38
C VAL A 10 -11.26 5.33 5.43
N LYS A 11 -10.09 4.89 4.99
CA LYS A 11 -9.11 4.30 5.89
C LYS A 11 -8.10 5.34 6.37
N PRO A 12 -7.67 5.22 7.63
CA PRO A 12 -6.70 6.14 8.24
C PRO A 12 -5.31 5.97 7.65
N TYR A 13 -4.89 4.72 7.44
CA TYR A 13 -3.59 4.43 6.88
C TYR A 13 -3.69 4.03 5.42
N GLY A 14 -2.69 4.41 4.63
CA GLY A 14 -2.69 4.09 3.21
C GLY A 14 -1.32 4.23 2.59
N CYS A 15 -0.91 3.23 1.82
CA CYS A 15 0.39 3.25 1.16
C CYS A 15 0.39 4.23 0.00
N SER A 16 1.44 5.05 -0.09
CA SER A 16 1.55 6.03 -1.16
C SER A 16 2.21 5.41 -2.40
N GLN A 17 2.97 4.35 -2.18
CA GLN A 17 3.65 3.67 -3.28
C GLN A 17 2.65 2.96 -4.18
N CYS A 18 1.61 2.40 -3.58
CA CYS A 18 0.57 1.68 -4.33
C CYS A 18 -0.80 1.90 -3.70
N ALA A 19 -1.82 1.99 -4.55
CA ALA A 19 -3.19 2.19 -4.08
C ALA A 19 -3.60 1.08 -3.11
N LYS A 20 -3.21 1.23 -1.85
CA LYS A 20 -3.55 0.24 -0.83
C LYS A 20 -3.86 0.92 0.51
N THR A 21 -4.89 0.43 1.18
CA THR A 21 -5.29 0.99 2.47
C THR A 21 -5.32 -0.09 3.55
N PHE A 22 -5.03 0.31 4.78
CA PHE A 22 -5.02 -0.62 5.90
C PHE A 22 -5.68 0.01 7.13
N SER A 23 -6.67 -0.68 7.68
CA SER A 23 -7.39 -0.18 8.86
C SER A 23 -6.45 -0.10 10.06
N LEU A 24 -5.60 -1.10 10.21
CA LEU A 24 -4.65 -1.14 11.32
C LEU A 24 -3.27 -0.65 10.88
N LYS A 25 -2.59 0.06 11.78
CA LYS A 25 -1.26 0.59 11.48
C LYS A 25 -0.27 -0.55 11.25
N SER A 26 -0.31 -1.55 12.13
CA SER A 26 0.59 -2.69 12.03
C SER A 26 0.64 -3.22 10.60
N GLN A 27 -0.53 -3.38 9.99
CA GLN A 27 -0.62 -3.88 8.62
C GLN A 27 0.32 -3.12 7.70
N LEU A 28 0.22 -1.79 7.73
CA LEU A 28 1.07 -0.94 6.90
C LEU A 28 2.54 -1.16 7.21
N ILE A 29 2.89 -1.04 8.49
CA ILE A 29 4.27 -1.23 8.92
C ILE A 29 4.89 -2.46 8.27
N VAL A 30 4.13 -3.55 8.25
CA VAL A 30 4.60 -4.79 7.65
C VAL A 30 4.52 -4.74 6.13
N HIS A 31 3.54 -4.00 5.61
CA HIS A 31 3.35 -3.87 4.18
C HIS A 31 4.58 -3.25 3.53
N GLN A 32 5.02 -2.11 4.05
CA GLN A 32 6.19 -1.42 3.52
C GLN A 32 7.32 -2.40 3.24
N ARG A 33 7.30 -3.54 3.94
CA ARG A 33 8.32 -4.55 3.78
C ARG A 33 8.00 -5.49 2.62
N SER A 34 7.46 -4.90 1.53
CA SER A 34 7.10 -5.68 0.36
C SER A 34 7.70 -5.06 -0.90
N HIS A 35 7.68 -3.74 -0.98
CA HIS A 35 8.22 -3.02 -2.12
C HIS A 35 9.74 -3.22 -2.21
N THR A 36 10.43 -2.92 -1.12
CA THR A 36 11.88 -3.05 -1.07
C THR A 36 12.33 -4.34 -1.75
N GLY A 37 13.61 -4.39 -2.13
CA GLY A 37 14.15 -5.57 -2.78
C GLY A 37 15.12 -5.22 -3.89
N VAL A 38 14.80 -5.65 -5.11
CA VAL A 38 15.66 -5.38 -6.26
C VAL A 38 15.17 -4.17 -7.03
N LYS A 39 15.57 -2.98 -6.57
CA LYS A 39 15.18 -1.74 -7.23
C LYS A 39 15.25 -1.87 -8.75
N PRO A 40 14.31 -1.22 -9.45
CA PRO A 40 14.25 -1.25 -10.92
C PRO A 40 15.39 -0.48 -11.56
N SER A 41 16.53 -1.16 -11.74
CA SER A 41 17.70 -0.53 -12.35
C SER A 41 17.43 -0.14 -13.79
N GLY A 42 17.89 1.05 -14.17
CA GLY A 42 17.68 1.53 -15.52
C GLY A 42 18.98 1.92 -16.21
N PRO A 43 19.49 3.11 -15.87
CA PRO A 43 20.73 3.63 -16.45
C PRO A 43 21.95 2.86 -15.97
N SER A 44 21.75 1.97 -15.00
CA SER A 44 22.83 1.17 -14.44
C SER A 44 23.44 0.27 -15.51
N SER A 45 24.76 0.36 -15.68
CA SER A 45 25.45 -0.44 -16.68
C SER A 45 25.39 -1.93 -16.32
N GLY A 46 25.60 -2.23 -15.05
CA GLY A 46 25.57 -3.61 -14.60
C GLY A 46 26.65 -4.46 -15.22
ZN ZN B . 2.45 -0.44 -0.95
N GLY A 1 -11.22 9.56 -12.73
CA GLY A 1 -10.93 10.46 -13.82
C GLY A 1 -11.97 11.55 -13.96
N SER A 2 -12.22 11.98 -15.20
CA SER A 2 -13.19 13.04 -15.46
C SER A 2 -12.78 14.34 -14.78
N SER A 3 -11.49 14.67 -14.90
CA SER A 3 -10.97 15.90 -14.30
C SER A 3 -11.63 16.16 -12.94
N GLY A 4 -11.77 15.11 -12.15
CA GLY A 4 -12.38 15.25 -10.84
C GLY A 4 -11.80 14.29 -9.82
N SER A 5 -12.63 13.85 -8.88
CA SER A 5 -12.19 12.93 -7.84
C SER A 5 -13.21 11.81 -7.64
N SER A 6 -12.73 10.65 -7.20
CA SER A 6 -13.59 9.50 -6.99
C SER A 6 -13.33 8.88 -5.62
N GLY A 7 -13.17 9.73 -4.61
CA GLY A 7 -12.91 9.26 -3.27
C GLY A 7 -11.46 8.91 -3.03
N THR A 8 -10.95 9.26 -1.86
CA THR A 8 -9.55 8.97 -1.52
C THR A 8 -9.46 7.92 -0.42
N GLY A 9 -10.32 6.91 -0.49
CA GLY A 9 -10.32 5.86 0.51
C GLY A 9 -11.01 6.28 1.80
N VAL A 10 -11.29 5.31 2.67
CA VAL A 10 -11.94 5.58 3.93
C VAL A 10 -10.99 5.40 5.10
N LYS A 11 -10.25 4.29 5.09
CA LYS A 11 -9.29 3.99 6.14
C LYS A 11 -8.29 5.13 6.31
N PRO A 12 -7.84 5.36 7.55
CA PRO A 12 -6.88 6.41 7.87
C PRO A 12 -5.49 6.10 7.33
N TYR A 13 -5.08 4.84 7.41
CA TYR A 13 -3.77 4.42 6.93
C TYR A 13 -3.82 4.09 5.45
N GLY A 14 -2.67 4.21 4.78
CA GLY A 14 -2.60 3.91 3.36
C GLY A 14 -1.18 3.94 2.83
N CYS A 15 -0.92 3.16 1.79
CA CYS A 15 0.41 3.08 1.20
C CYS A 15 0.61 4.20 0.18
N SER A 16 1.86 4.61 0.00
CA SER A 16 2.18 5.69 -0.95
C SER A 16 2.65 5.11 -2.27
N GLN A 17 3.53 4.11 -2.20
CA GLN A 17 4.06 3.47 -3.40
C GLN A 17 2.94 2.92 -4.27
N CYS A 18 1.96 2.29 -3.62
CA CYS A 18 0.82 1.71 -4.34
C CYS A 18 -0.49 2.33 -3.84
N ALA A 19 -1.60 1.81 -4.37
CA ALA A 19 -2.92 2.30 -3.98
C ALA A 19 -3.64 1.30 -3.09
N LYS A 20 -3.16 1.16 -1.85
CA LYS A 20 -3.76 0.24 -0.90
C LYS A 20 -4.11 0.95 0.40
N THR A 21 -4.87 0.27 1.27
CA THR A 21 -5.27 0.84 2.54
C THR A 21 -5.28 -0.23 3.63
N PHE A 22 -5.18 0.23 4.89
CA PHE A 22 -5.17 -0.68 6.02
C PHE A 22 -5.86 -0.06 7.23
N SER A 23 -6.51 -0.89 8.03
CA SER A 23 -7.22 -0.41 9.22
C SER A 23 -6.24 -0.21 10.38
N LEU A 24 -5.39 -1.20 10.61
CA LEU A 24 -4.42 -1.14 11.69
C LEU A 24 -3.04 -0.78 11.15
N LYS A 25 -2.38 0.17 11.81
CA LYS A 25 -1.05 0.61 11.40
C LYS A 25 -0.13 -0.59 11.18
N SER A 26 -0.14 -1.52 12.13
CA SER A 26 0.69 -2.71 12.04
C SER A 26 0.66 -3.29 10.62
N GLN A 27 -0.54 -3.39 10.06
CA GLN A 27 -0.70 -3.93 8.71
C GLN A 27 0.07 -3.09 7.69
N LEU A 28 -0.05 -1.76 7.83
CA LEU A 28 0.64 -0.85 6.92
C LEU A 28 2.15 -1.02 7.01
N ILE A 29 2.67 -1.04 8.23
CA ILE A 29 4.10 -1.19 8.45
C ILE A 29 4.64 -2.42 7.74
N VAL A 30 4.10 -3.59 8.09
CA VAL A 30 4.53 -4.85 7.48
C VAL A 30 4.43 -4.77 5.96
N HIS A 31 3.37 -4.14 5.46
CA HIS A 31 3.16 -4.00 4.03
C HIS A 31 4.26 -3.15 3.41
N GLN A 32 4.56 -2.03 4.04
CA GLN A 32 5.60 -1.13 3.54
C GLN A 32 6.88 -1.89 3.22
N ARG A 33 7.00 -3.09 3.79
CA ARG A 33 8.18 -3.92 3.56
C ARG A 33 8.01 -4.79 2.32
N SER A 34 7.38 -4.22 1.29
CA SER A 34 7.15 -4.94 0.05
C SER A 34 7.68 -4.15 -1.14
N HIS A 35 7.62 -2.83 -1.03
CA HIS A 35 8.09 -1.96 -2.11
C HIS A 35 9.56 -1.59 -1.89
N THR A 36 10.35 -2.56 -1.45
CA THR A 36 11.77 -2.33 -1.20
C THR A 36 12.61 -3.46 -1.78
N GLY A 37 12.12 -4.68 -1.65
CA GLY A 37 12.84 -5.84 -2.16
C GLY A 37 13.16 -5.71 -3.63
N VAL A 38 12.14 -5.42 -4.44
CA VAL A 38 12.32 -5.28 -5.88
C VAL A 38 11.94 -3.87 -6.35
N LYS A 39 12.76 -3.30 -7.21
CA LYS A 39 12.51 -1.96 -7.73
C LYS A 39 12.45 -1.97 -9.25
N PRO A 40 11.28 -2.37 -9.79
CA PRO A 40 11.07 -2.43 -11.24
C PRO A 40 11.01 -1.04 -11.88
N SER A 41 10.28 -0.13 -11.24
CA SER A 41 10.14 1.23 -11.75
C SER A 41 9.85 2.21 -10.61
N GLY A 42 10.18 3.47 -10.83
CA GLY A 42 9.94 4.49 -9.83
C GLY A 42 10.26 5.88 -10.32
N PRO A 43 9.51 6.88 -9.83
CA PRO A 43 9.70 8.28 -10.21
C PRO A 43 10.99 8.86 -9.65
N SER A 44 11.64 8.11 -8.77
CA SER A 44 12.89 8.55 -8.15
C SER A 44 14.08 8.22 -9.04
N SER A 45 14.79 9.25 -9.47
CA SER A 45 15.97 9.06 -10.33
C SER A 45 17.19 8.67 -9.50
N GLY A 46 17.35 9.32 -8.36
CA GLY A 46 18.49 9.03 -7.49
C GLY A 46 18.07 8.37 -6.19
ZN ZN B . 2.04 -0.67 -1.02
N GLY A 1 -27.64 0.83 -17.55
CA GLY A 1 -27.57 1.73 -16.40
C GLY A 1 -27.15 1.00 -15.14
N SER A 2 -26.20 0.09 -15.27
CA SER A 2 -25.71 -0.67 -14.12
C SER A 2 -24.29 -0.25 -13.76
N SER A 3 -24.02 -0.14 -12.46
CA SER A 3 -22.70 0.25 -11.98
C SER A 3 -22.36 -0.47 -10.68
N GLY A 4 -21.07 -0.51 -10.36
CA GLY A 4 -20.63 -1.18 -9.15
C GLY A 4 -20.53 -0.21 -7.97
N SER A 5 -21.29 -0.50 -6.92
CA SER A 5 -21.29 0.34 -5.73
C SER A 5 -20.38 -0.25 -4.64
N SER A 6 -20.52 -1.56 -4.41
CA SER A 6 -19.74 -2.24 -3.41
C SER A 6 -18.26 -1.84 -3.51
N GLY A 7 -17.85 -0.90 -2.67
CA GLY A 7 -16.47 -0.44 -2.68
C GLY A 7 -15.87 -0.36 -1.30
N THR A 8 -14.76 0.37 -1.17
CA THR A 8 -14.10 0.53 0.11
C THR A 8 -14.52 1.82 0.80
N GLY A 9 -14.91 1.71 2.06
CA GLY A 9 -15.33 2.88 2.81
C GLY A 9 -14.25 3.94 2.89
N VAL A 10 -13.62 4.04 4.05
CA VAL A 10 -12.56 5.03 4.25
C VAL A 10 -11.62 4.60 5.39
N LYS A 11 -10.33 4.56 5.09
CA LYS A 11 -9.34 4.16 6.09
C LYS A 11 -8.30 5.26 6.28
N PRO A 12 -7.84 5.44 7.53
CA PRO A 12 -6.83 6.46 7.86
C PRO A 12 -5.46 6.13 7.29
N TYR A 13 -5.04 4.88 7.46
CA TYR A 13 -3.74 4.44 6.97
C TYR A 13 -3.80 4.12 5.48
N GLY A 14 -2.76 4.50 4.76
CA GLY A 14 -2.72 4.25 3.32
C GLY A 14 -1.31 4.32 2.76
N CYS A 15 -0.96 3.37 1.91
CA CYS A 15 0.36 3.33 1.30
C CYS A 15 0.46 4.30 0.13
N SER A 16 1.63 4.93 -0.03
CA SER A 16 1.83 5.89 -1.10
C SER A 16 2.30 5.18 -2.37
N GLN A 17 3.35 4.38 -2.25
CA GLN A 17 3.89 3.65 -3.40
C GLN A 17 2.76 3.05 -4.24
N CYS A 18 1.79 2.45 -3.57
CA CYS A 18 0.66 1.82 -4.26
C CYS A 18 -0.66 2.40 -3.74
N ALA A 19 -1.76 1.87 -4.24
CA ALA A 19 -3.08 2.32 -3.84
C ALA A 19 -3.79 1.29 -2.96
N LYS A 20 -3.26 1.10 -1.75
CA LYS A 20 -3.83 0.15 -0.81
C LYS A 20 -3.88 0.73 0.61
N THR A 21 -5.03 0.59 1.26
CA THR A 21 -5.20 1.10 2.61
C THR A 21 -5.43 -0.04 3.61
N PHE A 22 -5.06 0.20 4.87
CA PHE A 22 -5.23 -0.80 5.90
C PHE A 22 -5.87 -0.20 7.16
N SER A 23 -6.74 -0.96 7.80
CA SER A 23 -7.42 -0.49 9.00
C SER A 23 -6.42 -0.29 10.14
N LEU A 24 -5.55 -1.27 10.34
CA LEU A 24 -4.55 -1.22 11.40
C LEU A 24 -3.26 -0.59 10.89
N LYS A 25 -2.52 0.04 11.80
CA LYS A 25 -1.26 0.69 11.45
C LYS A 25 -0.15 -0.34 11.27
N SER A 26 -0.17 -1.38 12.09
CA SER A 26 0.83 -2.43 12.01
C SER A 26 0.80 -3.12 10.66
N GLN A 27 -0.39 -3.28 10.10
CA GLN A 27 -0.56 -3.92 8.80
C GLN A 27 0.21 -3.17 7.73
N LEU A 28 0.00 -1.86 7.66
CA LEU A 28 0.67 -1.02 6.67
C LEU A 28 2.19 -1.15 6.79
N ILE A 29 2.70 -1.00 8.01
CA ILE A 29 4.13 -1.10 8.26
C ILE A 29 4.70 -2.38 7.66
N VAL A 30 4.26 -3.52 8.18
CA VAL A 30 4.73 -4.81 7.69
C VAL A 30 4.69 -4.87 6.17
N HIS A 31 3.60 -4.36 5.59
CA HIS A 31 3.44 -4.37 4.13
C HIS A 31 4.60 -3.63 3.47
N GLN A 32 4.87 -2.41 3.92
CA GLN A 32 5.95 -1.61 3.35
C GLN A 32 7.22 -2.45 3.20
N ARG A 33 7.37 -3.45 4.05
CA ARG A 33 8.53 -4.33 4.00
C ARG A 33 8.35 -5.42 2.96
N SER A 34 7.73 -5.07 1.84
CA SER A 34 7.49 -6.03 0.77
C SER A 34 7.88 -5.45 -0.59
N HIS A 35 7.65 -4.14 -0.74
CA HIS A 35 7.98 -3.45 -1.99
C HIS A 35 9.33 -3.92 -2.54
N THR A 36 10.38 -3.72 -1.74
CA THR A 36 11.73 -4.12 -2.15
C THR A 36 11.83 -5.63 -2.28
N GLY A 37 12.82 -6.09 -3.05
CA GLY A 37 13.00 -7.51 -3.26
C GLY A 37 11.74 -8.21 -3.75
N VAL A 38 11.34 -7.90 -4.98
CA VAL A 38 10.15 -8.50 -5.56
C VAL A 38 10.17 -10.02 -5.43
N LYS A 39 11.32 -10.61 -5.75
CA LYS A 39 11.46 -12.06 -5.66
C LYS A 39 11.13 -12.57 -4.26
N PRO A 40 10.52 -13.75 -4.19
CA PRO A 40 10.13 -14.37 -2.91
C PRO A 40 11.33 -14.84 -2.11
N SER A 41 12.48 -14.93 -2.77
CA SER A 41 13.71 -15.36 -2.11
C SER A 41 14.47 -14.17 -1.54
N GLY A 42 14.74 -14.21 -0.23
CA GLY A 42 15.45 -13.14 0.42
C GLY A 42 15.31 -13.18 1.93
N PRO A 43 14.09 -12.97 2.44
CA PRO A 43 13.81 -12.99 3.87
C PRO A 43 13.93 -14.38 4.46
N SER A 44 15.08 -14.68 5.04
CA SER A 44 15.32 -16.00 5.64
C SER A 44 14.82 -16.02 7.08
N SER A 45 13.65 -15.44 7.30
CA SER A 45 13.05 -15.39 8.63
C SER A 45 11.90 -16.38 8.75
N GLY A 46 11.01 -16.37 7.76
CA GLY A 46 9.87 -17.26 7.77
C GLY A 46 8.55 -16.54 7.55
ZN ZN B . 2.80 -0.40 -0.62
N GLY A 1 -27.10 5.88 -17.01
CA GLY A 1 -25.71 5.98 -16.62
C GLY A 1 -25.49 5.62 -15.16
N SER A 2 -26.05 4.50 -14.74
CA SER A 2 -25.92 4.06 -13.35
C SER A 2 -24.74 3.10 -13.20
N SER A 3 -23.54 3.67 -13.09
CA SER A 3 -22.33 2.86 -12.94
C SER A 3 -22.33 2.12 -11.62
N GLY A 4 -22.49 2.87 -10.53
CA GLY A 4 -22.51 2.26 -9.20
C GLY A 4 -22.70 3.28 -8.10
N SER A 5 -22.99 2.81 -6.90
CA SER A 5 -23.21 3.69 -5.76
C SER A 5 -21.88 4.03 -5.09
N SER A 6 -21.90 5.05 -4.23
CA SER A 6 -20.71 5.49 -3.53
C SER A 6 -21.06 6.11 -2.17
N GLY A 7 -20.53 5.52 -1.10
CA GLY A 7 -20.80 6.02 0.22
C GLY A 7 -19.53 6.36 0.99
N THR A 8 -19.45 5.88 2.23
CA THR A 8 -18.28 6.13 3.06
C THR A 8 -17.46 4.86 3.26
N GLY A 9 -16.14 5.02 3.33
CA GLY A 9 -15.26 3.88 3.52
C GLY A 9 -13.80 4.26 3.46
N VAL A 10 -13.43 5.32 4.16
CA VAL A 10 -12.05 5.79 4.18
C VAL A 10 -11.28 5.15 5.33
N LYS A 11 -9.98 4.98 5.14
CA LYS A 11 -9.12 4.38 6.15
C LYS A 11 -8.16 5.42 6.74
N PRO A 12 -7.81 5.25 8.02
CA PRO A 12 -6.90 6.15 8.73
C PRO A 12 -5.46 6.04 8.22
N TYR A 13 -5.15 4.91 7.60
CA TYR A 13 -3.81 4.67 7.07
C TYR A 13 -3.86 4.34 5.58
N GLY A 14 -2.72 4.45 4.92
CA GLY A 14 -2.65 4.15 3.49
C GLY A 14 -1.23 3.93 3.01
N CYS A 15 -1.09 3.42 1.80
CA CYS A 15 0.22 3.16 1.22
C CYS A 15 0.56 4.19 0.15
N SER A 16 1.57 5.01 0.44
CA SER A 16 2.00 6.04 -0.50
C SER A 16 2.97 5.48 -1.53
N GLN A 17 2.75 4.22 -1.90
CA GLN A 17 3.61 3.55 -2.89
C GLN A 17 2.77 2.91 -3.98
N CYS A 18 1.56 2.47 -3.62
CA CYS A 18 0.66 1.83 -4.57
C CYS A 18 -0.79 1.98 -4.13
N ALA A 19 -1.70 1.49 -4.96
CA ALA A 19 -3.13 1.56 -4.65
C ALA A 19 -3.52 0.53 -3.59
N LYS A 20 -3.20 0.83 -2.34
CA LYS A 20 -3.52 -0.06 -1.23
C LYS A 20 -3.79 0.73 0.04
N THR A 21 -4.65 0.18 0.89
CA THR A 21 -5.01 0.83 2.15
C THR A 21 -5.08 -0.18 3.29
N PHE A 22 -5.20 0.34 4.52
CA PHE A 22 -5.27 -0.52 5.69
C PHE A 22 -6.02 0.17 6.82
N SER A 23 -6.50 -0.61 7.78
CA SER A 23 -7.24 -0.07 8.92
C SER A 23 -6.31 0.15 10.11
N LEU A 24 -5.46 -0.83 10.37
CA LEU A 24 -4.51 -0.73 11.48
C LEU A 24 -3.17 -0.20 11.02
N LYS A 25 -2.30 0.14 11.97
CA LYS A 25 -0.98 0.66 11.66
C LYS A 25 0.01 -0.47 11.40
N SER A 26 -0.04 -1.49 12.25
CA SER A 26 0.85 -2.64 12.11
C SER A 26 0.79 -3.21 10.70
N GLN A 27 -0.42 -3.32 10.16
CA GLN A 27 -0.61 -3.85 8.82
C GLN A 27 0.22 -3.08 7.80
N LEU A 28 0.14 -1.75 7.86
CA LEU A 28 0.89 -0.91 6.94
C LEU A 28 2.39 -1.13 7.09
N ILE A 29 2.85 -1.19 8.34
CA ILE A 29 4.27 -1.41 8.61
C ILE A 29 4.78 -2.66 7.90
N VAL A 30 4.03 -3.75 8.01
CA VAL A 30 4.41 -5.01 7.37
C VAL A 30 4.40 -4.88 5.85
N HIS A 31 3.29 -4.40 5.30
CA HIS A 31 3.16 -4.23 3.86
C HIS A 31 4.34 -3.42 3.30
N GLN A 32 4.55 -2.24 3.86
CA GLN A 32 5.64 -1.38 3.42
C GLN A 32 6.89 -2.19 3.11
N ARG A 33 7.19 -3.14 3.99
CA ARG A 33 8.38 -3.98 3.82
C ARG A 33 8.32 -4.72 2.47
N SER A 34 7.17 -5.31 2.17
CA SER A 34 6.99 -6.03 0.92
C SER A 34 7.71 -5.33 -0.22
N HIS A 35 7.54 -4.02 -0.31
CA HIS A 35 8.17 -3.23 -1.35
C HIS A 35 9.68 -3.42 -1.36
N THR A 36 10.30 -3.13 -0.22
CA THR A 36 11.75 -3.27 -0.09
C THR A 36 12.18 -4.72 -0.27
N GLY A 37 13.03 -4.96 -1.26
CA GLY A 37 13.51 -6.30 -1.53
C GLY A 37 14.71 -6.32 -2.46
N VAL A 38 15.26 -7.51 -2.69
CA VAL A 38 16.40 -7.67 -3.57
C VAL A 38 15.99 -8.21 -4.93
N LYS A 39 14.94 -9.03 -4.95
CA LYS A 39 14.44 -9.61 -6.18
C LYS A 39 13.15 -8.94 -6.62
N PRO A 40 12.97 -8.81 -7.95
CA PRO A 40 11.77 -8.19 -8.52
C PRO A 40 10.52 -9.04 -8.33
N SER A 41 10.69 -10.18 -7.68
CA SER A 41 9.58 -11.09 -7.44
C SER A 41 9.72 -11.79 -6.08
N GLY A 42 8.72 -11.63 -5.23
CA GLY A 42 8.76 -12.25 -3.92
C GLY A 42 8.24 -13.67 -3.93
N PRO A 43 8.12 -14.27 -2.74
CA PRO A 43 7.64 -15.65 -2.59
C PRO A 43 6.16 -15.79 -2.92
N SER A 44 5.53 -14.67 -3.30
CA SER A 44 4.12 -14.66 -3.65
C SER A 44 3.74 -13.39 -4.40
N SER A 45 2.81 -13.52 -5.33
CA SER A 45 2.36 -12.39 -6.13
C SER A 45 1.48 -11.44 -5.31
N GLY A 46 0.42 -12.00 -4.73
CA GLY A 46 -0.48 -11.21 -3.93
C GLY A 46 -1.05 -10.02 -4.68
ZN ZN B . 2.25 -0.77 -1.07
N GLY A 1 -19.96 -9.49 -12.85
CA GLY A 1 -19.78 -8.07 -12.57
C GLY A 1 -20.44 -7.66 -11.28
N SER A 2 -20.28 -8.47 -10.24
CA SER A 2 -20.87 -8.18 -8.93
C SER A 2 -19.95 -7.28 -8.11
N SER A 3 -20.24 -5.99 -8.11
CA SER A 3 -19.43 -5.02 -7.38
C SER A 3 -19.86 -4.97 -5.91
N GLY A 4 -19.04 -4.32 -5.09
CA GLY A 4 -19.36 -4.21 -3.68
C GLY A 4 -18.62 -3.08 -3.00
N SER A 5 -19.24 -1.90 -2.97
CA SER A 5 -18.63 -0.73 -2.37
C SER A 5 -19.18 -0.50 -0.97
N SER A 6 -19.31 -1.57 -0.20
CA SER A 6 -19.84 -1.48 1.16
C SER A 6 -18.80 -0.87 2.10
N GLY A 7 -19.29 -0.21 3.15
CA GLY A 7 -18.39 0.41 4.11
C GLY A 7 -18.44 -0.27 5.47
N THR A 8 -17.29 -0.78 5.91
CA THR A 8 -17.22 -1.47 7.20
C THR A 8 -16.43 -0.63 8.21
N GLY A 9 -15.17 -0.37 7.91
CA GLY A 9 -14.33 0.41 8.80
C GLY A 9 -13.47 1.41 8.06
N VAL A 10 -13.10 2.50 8.74
CA VAL A 10 -12.29 3.54 8.13
C VAL A 10 -10.82 3.12 8.11
N LYS A 11 -10.18 3.29 6.96
CA LYS A 11 -8.77 2.94 6.79
C LYS A 11 -7.91 4.19 6.61
N PRO A 12 -7.59 4.85 7.73
CA PRO A 12 -6.76 6.06 7.71
C PRO A 12 -5.31 5.79 7.33
N TYR A 13 -4.97 4.51 7.24
CA TYR A 13 -3.62 4.10 6.90
C TYR A 13 -3.54 3.66 5.43
N GLY A 14 -2.69 4.33 4.66
CA GLY A 14 -2.53 3.98 3.26
C GLY A 14 -1.08 3.99 2.82
N CYS A 15 -0.81 3.31 1.71
CA CYS A 15 0.55 3.22 1.18
C CYS A 15 0.75 4.24 0.06
N SER A 16 1.96 4.80 -0.02
CA SER A 16 2.28 5.78 -1.05
C SER A 16 2.74 5.09 -2.34
N GLN A 17 3.65 4.14 -2.19
CA GLN A 17 4.19 3.41 -3.33
C GLN A 17 3.05 2.91 -4.22
N CYS A 18 2.00 2.39 -3.60
CA CYS A 18 0.86 1.87 -4.35
C CYS A 18 -0.45 2.33 -3.71
N ALA A 19 -1.57 1.93 -4.30
CA ALA A 19 -2.88 2.29 -3.79
C ALA A 19 -3.45 1.21 -2.88
N LYS A 20 -3.00 1.20 -1.63
CA LYS A 20 -3.46 0.22 -0.66
C LYS A 20 -3.84 0.88 0.66
N THR A 21 -4.80 0.29 1.36
CA THR A 21 -5.26 0.82 2.64
C THR A 21 -5.35 -0.28 3.69
N PHE A 22 -5.41 0.13 4.96
CA PHE A 22 -5.50 -0.80 6.07
C PHE A 22 -6.17 -0.17 7.28
N SER A 23 -6.68 -1.01 8.17
CA SER A 23 -7.35 -0.53 9.38
C SER A 23 -6.35 -0.30 10.51
N LEU A 24 -5.46 -1.27 10.70
CA LEU A 24 -4.45 -1.19 11.75
C LEU A 24 -3.13 -0.67 11.19
N LYS A 25 -2.50 0.24 11.92
CA LYS A 25 -1.22 0.81 11.50
C LYS A 25 -0.16 -0.28 11.36
N SER A 26 -0.35 -1.38 12.09
CA SER A 26 0.59 -2.49 12.05
C SER A 26 0.60 -3.15 10.67
N GLN A 27 -0.56 -3.16 10.03
CA GLN A 27 -0.69 -3.76 8.71
C GLN A 27 0.11 -2.98 7.67
N LEU A 28 0.00 -1.65 7.72
CA LEU A 28 0.71 -0.79 6.79
C LEU A 28 2.23 -0.95 6.94
N ILE A 29 2.71 -0.82 8.17
CA ILE A 29 4.14 -0.96 8.45
C ILE A 29 4.71 -2.20 7.78
N VAL A 30 4.04 -3.34 7.98
CA VAL A 30 4.48 -4.59 7.39
C VAL A 30 4.35 -4.57 5.87
N HIS A 31 3.15 -4.28 5.39
CA HIS A 31 2.90 -4.23 3.95
C HIS A 31 3.97 -3.43 3.24
N GLN A 32 4.32 -2.26 3.81
CA GLN A 32 5.34 -1.40 3.23
C GLN A 32 6.59 -2.20 2.88
N ARG A 33 6.98 -3.10 3.78
CA ARG A 33 8.16 -3.93 3.57
C ARG A 33 8.18 -4.50 2.15
N SER A 34 7.02 -4.96 1.69
CA SER A 34 6.91 -5.53 0.36
C SER A 34 7.74 -4.74 -0.65
N HIS A 35 7.65 -3.42 -0.56
CA HIS A 35 8.39 -2.54 -1.47
C HIS A 35 9.86 -2.48 -1.08
N THR A 36 10.12 -2.34 0.22
CA THR A 36 11.49 -2.25 0.72
C THR A 36 12.38 -3.28 0.04
N GLY A 37 13.36 -2.81 -0.73
CA GLY A 37 14.27 -3.69 -1.42
C GLY A 37 13.89 -3.89 -2.87
N VAL A 38 13.08 -4.90 -3.15
CA VAL A 38 12.65 -5.19 -4.51
C VAL A 38 11.87 -4.03 -5.10
N LYS A 39 12.05 -3.77 -6.39
CA LYS A 39 11.36 -2.69 -7.07
C LYS A 39 9.95 -3.11 -7.48
N PRO A 40 9.00 -2.17 -7.38
CA PRO A 40 7.61 -2.43 -7.74
C PRO A 40 7.42 -2.62 -9.24
N SER A 41 6.16 -2.71 -9.67
CA SER A 41 5.84 -2.89 -11.08
C SER A 41 4.97 -1.75 -11.60
N GLY A 42 5.17 -1.39 -12.86
CA GLY A 42 4.40 -0.32 -13.46
C GLY A 42 4.87 1.05 -13.01
N PRO A 43 5.94 1.54 -13.63
CA PRO A 43 6.52 2.85 -13.31
C PRO A 43 5.62 4.00 -13.74
N SER A 44 5.14 3.93 -14.99
CA SER A 44 4.26 4.97 -15.52
C SER A 44 3.11 4.36 -16.30
N SER A 45 2.10 5.18 -16.59
CA SER A 45 0.93 4.71 -17.33
C SER A 45 0.99 5.19 -18.78
N GLY A 46 1.15 6.49 -18.96
CA GLY A 46 1.22 7.05 -20.31
C GLY A 46 -0.16 7.30 -20.89
ZN ZN B . 2.28 -0.53 -0.86
N GLY A 1 -6.41 11.51 -17.96
CA GLY A 1 -7.76 11.06 -18.25
C GLY A 1 -8.23 9.97 -17.31
N SER A 2 -9.54 9.77 -17.25
CA SER A 2 -10.11 8.75 -16.38
C SER A 2 -9.82 9.07 -14.92
N SER A 3 -9.95 10.34 -14.55
CA SER A 3 -9.69 10.77 -13.18
C SER A 3 -10.99 10.99 -12.43
N GLY A 4 -10.90 11.10 -11.11
CA GLY A 4 -12.08 11.30 -10.29
C GLY A 4 -11.74 11.52 -8.82
N SER A 5 -12.72 11.30 -7.96
CA SER A 5 -12.52 11.48 -6.52
C SER A 5 -12.06 10.18 -5.87
N SER A 6 -10.84 10.18 -5.35
CA SER A 6 -10.29 9.00 -4.70
C SER A 6 -9.17 9.39 -3.73
N GLY A 7 -9.32 8.99 -2.47
CA GLY A 7 -8.32 9.30 -1.46
C GLY A 7 -7.78 8.07 -0.77
N THR A 8 -7.21 7.16 -1.55
CA THR A 8 -6.66 5.92 -1.01
C THR A 8 -7.69 5.18 -0.16
N GLY A 9 -8.89 5.02 -0.71
CA GLY A 9 -9.95 4.33 0.00
C GLY A 9 -10.51 5.16 1.14
N VAL A 10 -10.75 4.51 2.27
CA VAL A 10 -11.29 5.20 3.44
C VAL A 10 -10.32 5.15 4.61
N LYS A 11 -9.91 3.94 4.98
CA LYS A 11 -8.97 3.77 6.08
C LYS A 11 -7.95 4.89 6.13
N PRO A 12 -7.60 5.34 7.35
CA PRO A 12 -6.63 6.42 7.55
C PRO A 12 -5.21 6.00 7.17
N TYR A 13 -4.88 4.74 7.43
CA TYR A 13 -3.56 4.22 7.14
C TYR A 13 -3.50 3.67 5.71
N GLY A 14 -2.81 4.39 4.83
CA GLY A 14 -2.69 3.97 3.45
C GLY A 14 -1.25 3.88 2.99
N CYS A 15 -1.02 3.25 1.84
CA CYS A 15 0.32 3.09 1.30
C CYS A 15 0.60 4.15 0.23
N SER A 16 1.82 4.67 0.25
CA SER A 16 2.22 5.69 -0.72
C SER A 16 2.73 5.06 -2.01
N GLN A 17 3.58 4.04 -1.86
CA GLN A 17 4.14 3.35 -3.03
C GLN A 17 3.04 2.93 -3.99
N CYS A 18 1.94 2.44 -3.44
CA CYS A 18 0.81 2.00 -4.25
C CYS A 18 -0.52 2.47 -3.65
N ALA A 19 -1.61 2.09 -4.29
CA ALA A 19 -2.94 2.46 -3.82
C ALA A 19 -3.55 1.36 -2.95
N LYS A 20 -3.04 1.23 -1.73
CA LYS A 20 -3.54 0.23 -0.79
C LYS A 20 -4.26 0.87 0.38
N THR A 21 -4.69 0.05 1.33
CA THR A 21 -5.40 0.54 2.51
C THR A 21 -5.39 -0.49 3.63
N PHE A 22 -5.43 -0.01 4.86
CA PHE A 22 -5.43 -0.89 6.03
C PHE A 22 -5.93 -0.16 7.27
N SER A 23 -6.71 -0.87 8.08
CA SER A 23 -7.26 -0.28 9.30
C SER A 23 -6.23 -0.26 10.42
N LEU A 24 -5.44 -1.32 10.51
CA LEU A 24 -4.41 -1.43 11.54
C LEU A 24 -3.07 -0.89 11.02
N LYS A 25 -2.63 0.21 11.60
CA LYS A 25 -1.36 0.82 11.21
C LYS A 25 -0.27 -0.23 11.06
N SER A 26 -0.23 -1.18 11.99
CA SER A 26 0.77 -2.23 11.97
C SER A 26 0.78 -2.94 10.61
N GLN A 27 -0.40 -3.33 10.14
CA GLN A 27 -0.52 -4.00 8.85
C GLN A 27 0.17 -3.20 7.75
N LEU A 28 -0.09 -1.90 7.73
CA LEU A 28 0.51 -1.03 6.72
C LEU A 28 2.02 -1.01 6.84
N ILE A 29 2.52 -0.68 8.03
CA ILE A 29 3.95 -0.63 8.27
C ILE A 29 4.64 -1.89 7.75
N VAL A 30 4.03 -3.05 8.00
CA VAL A 30 4.59 -4.32 7.56
C VAL A 30 4.49 -4.45 6.04
N HIS A 31 3.31 -4.20 5.50
CA HIS A 31 3.07 -4.29 4.06
C HIS A 31 4.16 -3.54 3.29
N GLN A 32 4.57 -2.39 3.82
CA GLN A 32 5.60 -1.58 3.18
C GLN A 32 6.78 -2.44 2.76
N ARG A 33 7.25 -3.28 3.67
CA ARG A 33 8.37 -4.16 3.39
C ARG A 33 8.13 -5.00 2.14
N SER A 34 6.94 -5.60 2.08
CA SER A 34 6.58 -6.44 0.94
C SER A 34 7.18 -5.89 -0.35
N HIS A 35 7.03 -4.59 -0.55
CA HIS A 35 7.56 -3.94 -1.75
C HIS A 35 8.99 -4.39 -2.03
N THR A 36 9.88 -4.15 -1.06
CA THR A 36 11.28 -4.53 -1.21
C THR A 36 11.42 -5.94 -1.76
N GLY A 37 12.07 -6.06 -2.91
CA GLY A 37 12.26 -7.37 -3.53
C GLY A 37 12.19 -7.30 -5.04
N VAL A 38 10.96 -7.24 -5.57
CA VAL A 38 10.76 -7.18 -7.01
C VAL A 38 10.83 -5.74 -7.51
N LYS A 39 11.87 -5.03 -7.09
CA LYS A 39 12.06 -3.64 -7.49
C LYS A 39 13.24 -3.51 -8.45
N PRO A 40 13.02 -3.87 -9.73
CA PRO A 40 14.05 -3.80 -10.77
C PRO A 40 14.41 -2.36 -11.12
N SER A 41 13.70 -1.41 -10.54
CA SER A 41 13.95 0.00 -10.80
C SER A 41 15.21 0.47 -10.08
N GLY A 42 15.39 0.01 -8.85
CA GLY A 42 16.55 0.39 -8.08
C GLY A 42 16.63 1.89 -7.86
N PRO A 43 17.76 2.35 -7.29
CA PRO A 43 17.98 3.77 -7.00
C PRO A 43 18.15 4.60 -8.28
N SER A 44 18.01 5.92 -8.13
CA SER A 44 18.15 6.83 -9.27
C SER A 44 19.33 7.77 -9.08
N SER A 45 19.67 8.49 -10.13
CA SER A 45 20.79 9.44 -10.07
C SER A 45 20.55 10.50 -9.01
N GLY A 46 21.61 10.88 -8.31
CA GLY A 46 21.50 11.89 -7.27
C GLY A 46 22.75 12.73 -7.13
ZN ZN B . 2.15 -0.75 -0.91
N GLY A 1 -12.95 9.59 -9.95
CA GLY A 1 -14.05 8.74 -9.52
C GLY A 1 -15.24 8.82 -10.45
N SER A 2 -16.42 8.47 -9.93
CA SER A 2 -17.64 8.49 -10.73
C SER A 2 -18.71 9.33 -10.05
N SER A 3 -19.85 9.47 -10.72
CA SER A 3 -20.96 10.26 -10.18
C SER A 3 -21.71 9.48 -9.10
N GLY A 4 -21.98 10.15 -7.98
CA GLY A 4 -22.68 9.51 -6.88
C GLY A 4 -21.80 9.32 -5.67
N SER A 5 -22.27 8.51 -4.72
CA SER A 5 -21.52 8.26 -3.49
C SER A 5 -20.84 6.90 -3.54
N SER A 6 -19.56 6.89 -3.90
CA SER A 6 -18.79 5.66 -4.00
C SER A 6 -17.71 5.61 -2.92
N GLY A 7 -18.03 4.96 -1.80
CA GLY A 7 -17.09 4.85 -0.71
C GLY A 7 -17.68 4.15 0.51
N THR A 8 -18.37 4.92 1.34
CA THR A 8 -18.99 4.37 2.55
C THR A 8 -18.13 3.26 3.13
N GLY A 9 -16.82 3.49 3.19
CA GLY A 9 -15.92 2.50 3.75
C GLY A 9 -14.48 2.75 3.36
N VAL A 10 -13.87 3.75 3.99
CA VAL A 10 -12.48 4.10 3.70
C VAL A 10 -11.60 3.92 4.94
N LYS A 11 -10.31 3.71 4.72
CA LYS A 11 -9.37 3.52 5.81
C LYS A 11 -8.42 4.72 5.93
N PRO A 12 -8.06 5.07 7.17
CA PRO A 12 -7.16 6.20 7.44
C PRO A 12 -5.73 5.92 7.00
N TYR A 13 -5.20 4.76 7.41
CA TYR A 13 -3.84 4.37 7.06
C TYR A 13 -3.76 3.95 5.60
N GLY A 14 -2.77 4.51 4.89
CA GLY A 14 -2.60 4.18 3.48
C GLY A 14 -1.14 4.04 3.11
N CYS A 15 -0.88 3.33 2.00
CA CYS A 15 0.48 3.12 1.53
C CYS A 15 0.89 4.21 0.55
N SER A 16 2.03 4.84 0.82
CA SER A 16 2.53 5.90 -0.05
C SER A 16 3.38 5.33 -1.18
N GLN A 17 3.04 4.12 -1.61
CA GLN A 17 3.77 3.45 -2.68
C GLN A 17 2.80 2.90 -3.73
N CYS A 18 1.63 2.46 -3.27
CA CYS A 18 0.63 1.90 -4.17
C CYS A 18 -0.78 2.23 -3.66
N ALA A 19 -1.78 1.79 -4.43
CA ALA A 19 -3.18 2.03 -4.06
C ALA A 19 -3.71 0.92 -3.15
N LYS A 20 -3.28 0.93 -1.90
CA LYS A 20 -3.71 -0.08 -0.93
C LYS A 20 -3.76 0.51 0.48
N THR A 21 -4.95 0.52 1.07
CA THR A 21 -5.12 1.03 2.42
C THR A 21 -5.22 -0.09 3.44
N PHE A 22 -5.15 0.27 4.72
CA PHE A 22 -5.23 -0.72 5.80
C PHE A 22 -6.00 -0.16 6.98
N SER A 23 -6.59 -1.05 7.77
CA SER A 23 -7.37 -0.64 8.94
C SER A 23 -6.46 -0.17 10.06
N LEU A 24 -5.42 -0.96 10.35
CA LEU A 24 -4.47 -0.62 11.40
C LEU A 24 -3.13 -0.17 10.79
N LYS A 25 -2.25 0.32 11.65
CA LYS A 25 -0.94 0.78 11.21
C LYS A 25 0.04 -0.38 11.10
N SER A 26 0.09 -1.22 12.14
CA SER A 26 0.98 -2.37 12.16
C SER A 26 0.95 -3.10 10.83
N GLN A 27 -0.25 -3.30 10.29
CA GLN A 27 -0.42 -3.99 9.01
C GLN A 27 0.25 -3.22 7.89
N LEU A 28 0.03 -1.92 7.85
CA LEU A 28 0.61 -1.06 6.82
C LEU A 28 2.14 -1.11 6.88
N ILE A 29 2.69 -0.77 8.04
CA ILE A 29 4.13 -0.77 8.23
C ILE A 29 4.76 -2.02 7.62
N VAL A 30 4.20 -3.18 7.95
CA VAL A 30 4.70 -4.44 7.43
C VAL A 30 4.54 -4.53 5.92
N HIS A 31 3.32 -4.28 5.45
CA HIS A 31 3.03 -4.33 4.02
C HIS A 31 4.11 -3.61 3.22
N GLN A 32 4.48 -2.41 3.69
CA GLN A 32 5.51 -1.62 3.02
C GLN A 32 6.70 -2.50 2.62
N ARG A 33 7.09 -3.40 3.51
CA ARG A 33 8.22 -4.29 3.25
C ARG A 33 7.86 -5.31 2.17
N SER A 34 6.67 -5.90 2.28
CA SER A 34 6.22 -6.89 1.32
C SER A 34 6.68 -6.53 -0.09
N HIS A 35 6.54 -5.25 -0.43
CA HIS A 35 6.94 -4.77 -1.75
C HIS A 35 8.17 -5.53 -2.26
N THR A 36 9.26 -5.45 -1.51
CA THR A 36 10.49 -6.13 -1.90
C THR A 36 10.26 -7.63 -2.08
N GLY A 37 11.02 -8.22 -2.99
CA GLY A 37 10.88 -9.65 -3.24
C GLY A 37 11.31 -10.03 -4.65
N VAL A 38 10.91 -9.22 -5.63
CA VAL A 38 11.25 -9.49 -7.01
C VAL A 38 12.18 -8.41 -7.56
N LYS A 39 13.17 -8.02 -6.76
CA LYS A 39 14.12 -7.00 -7.16
C LYS A 39 15.45 -7.18 -6.45
N PRO A 40 16.56 -6.96 -7.18
CA PRO A 40 17.91 -7.10 -6.63
C PRO A 40 18.24 -6.01 -5.63
N SER A 41 18.45 -6.39 -4.37
CA SER A 41 18.77 -5.45 -3.31
C SER A 41 19.82 -4.44 -3.79
N GLY A 42 19.77 -3.23 -3.23
CA GLY A 42 20.72 -2.21 -3.61
C GLY A 42 21.74 -1.93 -2.52
N PRO A 43 22.76 -2.79 -2.40
CA PRO A 43 23.81 -2.65 -1.39
C PRO A 43 24.72 -1.45 -1.66
N SER A 44 25.24 -0.85 -0.60
CA SER A 44 26.12 0.30 -0.73
C SER A 44 27.42 -0.08 -1.42
N SER A 45 27.46 0.10 -2.73
CA SER A 45 28.65 -0.24 -3.52
C SER A 45 28.54 0.32 -4.94
N GLY A 46 29.64 0.87 -5.44
CA GLY A 46 29.64 1.42 -6.78
C GLY A 46 28.46 2.35 -7.03
ZN ZN B . 2.31 -0.76 -0.72
N GLY A 1 -30.64 3.76 -6.68
CA GLY A 1 -30.53 2.57 -5.87
C GLY A 1 -29.44 2.70 -4.82
N SER A 2 -29.52 1.86 -3.79
CA SER A 2 -28.53 1.88 -2.72
C SER A 2 -27.96 0.48 -2.47
N SER A 3 -26.69 0.30 -2.85
CA SER A 3 -26.03 -0.99 -2.67
C SER A 3 -24.86 -0.87 -1.69
N GLY A 4 -24.36 -2.02 -1.24
CA GLY A 4 -23.25 -2.03 -0.31
C GLY A 4 -23.46 -1.06 0.83
N SER A 5 -24.23 -1.48 1.83
CA SER A 5 -24.51 -0.64 2.99
C SER A 5 -23.23 -0.08 3.58
N SER A 6 -22.34 -0.97 4.00
CA SER A 6 -21.06 -0.57 4.59
C SER A 6 -19.95 -0.59 3.54
N GLY A 7 -18.95 0.25 3.75
CA GLY A 7 -17.84 0.31 2.81
C GLY A 7 -16.56 0.82 3.45
N THR A 8 -15.56 1.12 2.64
CA THR A 8 -14.28 1.61 3.13
C THR A 8 -14.42 3.02 3.70
N GLY A 9 -13.73 3.28 4.80
CA GLY A 9 -13.78 4.60 5.42
C GLY A 9 -13.02 4.65 6.72
N VAL A 10 -13.01 3.55 7.46
CA VAL A 10 -12.30 3.47 8.73
C VAL A 10 -10.86 3.03 8.54
N LYS A 11 -10.27 3.44 7.42
CA LYS A 11 -8.88 3.10 7.12
C LYS A 11 -8.06 4.35 6.83
N PRO A 12 -7.61 5.04 7.89
CA PRO A 12 -6.82 6.25 7.77
C PRO A 12 -5.41 5.97 7.24
N TYR A 13 -4.88 4.80 7.58
CA TYR A 13 -3.54 4.41 7.14
C TYR A 13 -3.57 3.91 5.70
N GLY A 14 -2.58 4.33 4.92
CA GLY A 14 -2.50 3.92 3.52
C GLY A 14 -1.10 4.02 2.96
N CYS A 15 -0.84 3.29 1.89
CA CYS A 15 0.48 3.29 1.25
C CYS A 15 0.51 4.28 0.10
N SER A 16 1.65 4.95 -0.08
CA SER A 16 1.81 5.93 -1.15
C SER A 16 2.32 5.25 -2.43
N GLN A 17 3.36 4.44 -2.28
CA GLN A 17 3.95 3.73 -3.41
C GLN A 17 2.85 3.10 -4.27
N CYS A 18 1.84 2.53 -3.62
CA CYS A 18 0.74 1.89 -4.33
C CYS A 18 -0.61 2.35 -3.77
N ALA A 19 -1.69 1.81 -4.33
CA ALA A 19 -3.03 2.16 -3.88
C ALA A 19 -3.62 1.08 -2.99
N LYS A 20 -3.19 1.06 -1.73
CA LYS A 20 -3.68 0.08 -0.78
C LYS A 20 -3.85 0.70 0.61
N THR A 21 -4.98 0.40 1.26
CA THR A 21 -5.26 0.93 2.58
C THR A 21 -5.22 -0.17 3.63
N PHE A 22 -5.23 0.24 4.89
CA PHE A 22 -5.19 -0.72 6.00
C PHE A 22 -5.86 -0.14 7.25
N SER A 23 -6.81 -0.89 7.80
CA SER A 23 -7.54 -0.45 8.99
C SER A 23 -6.57 -0.14 10.13
N LEU A 24 -5.59 -1.03 10.31
CA LEU A 24 -4.60 -0.87 11.37
C LEU A 24 -3.24 -0.48 10.79
N LYS A 25 -2.45 0.24 11.58
CA LYS A 25 -1.13 0.67 11.14
C LYS A 25 -0.18 -0.52 11.02
N SER A 26 -0.11 -1.31 12.08
CA SER A 26 0.75 -2.48 12.10
C SER A 26 0.74 -3.20 10.76
N GLN A 27 -0.46 -3.38 10.20
CA GLN A 27 -0.60 -4.04 8.92
C GLN A 27 0.15 -3.30 7.83
N LEU A 28 -0.02 -1.98 7.79
CA LEU A 28 0.63 -1.15 6.80
C LEU A 28 2.16 -1.18 6.97
N ILE A 29 2.61 -0.97 8.20
CA ILE A 29 4.03 -0.98 8.50
C ILE A 29 4.72 -2.21 7.90
N VAL A 30 4.08 -3.37 8.06
CA VAL A 30 4.63 -4.61 7.53
C VAL A 30 4.56 -4.63 6.01
N HIS A 31 3.43 -4.20 5.47
CA HIS A 31 3.23 -4.16 4.02
C HIS A 31 4.37 -3.41 3.34
N GLN A 32 4.74 -2.27 3.90
CA GLN A 32 5.81 -1.46 3.35
C GLN A 32 7.07 -2.29 3.14
N ARG A 33 7.19 -3.37 3.90
CA ARG A 33 8.35 -4.25 3.79
C ARG A 33 8.14 -5.32 2.71
N SER A 34 7.47 -4.92 1.63
CA SER A 34 7.19 -5.83 0.52
C SER A 34 7.69 -5.25 -0.79
N HIS A 35 7.52 -3.94 -0.95
CA HIS A 35 7.95 -3.26 -2.16
C HIS A 35 9.42 -3.51 -2.45
N THR A 36 10.28 -3.04 -1.54
CA THR A 36 11.72 -3.22 -1.69
C THR A 36 12.05 -4.61 -2.21
N GLY A 37 13.12 -4.70 -3.00
CA GLY A 37 13.53 -5.99 -3.55
C GLY A 37 14.97 -6.00 -4.00
N VAL A 38 15.87 -5.66 -3.07
CA VAL A 38 17.30 -5.63 -3.38
C VAL A 38 17.55 -5.19 -4.82
N LYS A 39 16.83 -4.15 -5.25
CA LYS A 39 16.97 -3.64 -6.60
C LYS A 39 18.44 -3.42 -6.96
N PRO A 40 18.79 -3.67 -8.23
CA PRO A 40 20.16 -3.50 -8.72
C PRO A 40 20.57 -2.04 -8.80
N SER A 41 19.69 -1.21 -9.36
CA SER A 41 19.97 0.21 -9.50
C SER A 41 20.14 0.87 -8.13
N GLY A 42 21.03 1.85 -8.06
CA GLY A 42 21.27 2.55 -6.82
C GLY A 42 21.49 4.04 -7.01
N PRO A 43 21.25 4.82 -5.95
CA PRO A 43 21.41 6.28 -5.98
C PRO A 43 22.87 6.69 -6.08
N SER A 44 23.16 7.66 -6.95
CA SER A 44 24.52 8.15 -7.14
C SER A 44 24.75 9.44 -6.37
N SER A 45 23.67 10.20 -6.18
CA SER A 45 23.76 11.46 -5.45
C SER A 45 23.39 11.28 -3.99
N GLY A 46 24.35 11.58 -3.10
CA GLY A 46 24.11 11.44 -1.68
C GLY A 46 24.52 12.66 -0.90
ZN ZN B . 2.36 -0.37 -0.86
N GLY A 1 -28.18 14.51 2.36
CA GLY A 1 -26.97 13.83 1.95
C GLY A 1 -27.20 12.37 1.64
N SER A 2 -26.11 11.62 1.45
CA SER A 2 -26.20 10.20 1.13
C SER A 2 -25.77 9.35 2.32
N SER A 3 -24.58 9.64 2.85
CA SER A 3 -24.04 8.90 3.99
C SER A 3 -22.86 9.63 4.59
N GLY A 4 -22.97 10.00 5.86
CA GLY A 4 -21.90 10.71 6.54
C GLY A 4 -21.02 9.77 7.35
N SER A 5 -21.65 8.97 8.21
CA SER A 5 -20.91 8.02 9.05
C SER A 5 -21.46 6.62 8.88
N SER A 6 -20.76 5.80 8.10
CA SER A 6 -21.17 4.43 7.85
C SER A 6 -21.47 3.70 9.16
N GLY A 7 -20.52 3.77 10.09
CA GLY A 7 -20.70 3.11 11.38
C GLY A 7 -19.44 2.44 11.86
N THR A 8 -18.86 1.57 11.03
CA THR A 8 -17.65 0.87 11.38
C THR A 8 -16.41 1.73 11.16
N GLY A 9 -15.31 1.37 11.82
CA GLY A 9 -14.08 2.13 11.68
C GLY A 9 -13.71 2.37 10.23
N VAL A 10 -12.69 3.19 10.01
CA VAL A 10 -12.24 3.51 8.66
C VAL A 10 -10.78 3.11 8.47
N LYS A 11 -10.31 3.20 7.23
CA LYS A 11 -8.93 2.84 6.91
C LYS A 11 -8.10 4.08 6.62
N PRO A 12 -7.65 4.76 7.69
CA PRO A 12 -6.84 5.98 7.58
C PRO A 12 -5.44 5.69 7.05
N TYR A 13 -4.90 4.54 7.41
CA TYR A 13 -3.56 4.14 6.97
C TYR A 13 -3.58 3.69 5.51
N GLY A 14 -2.53 4.04 4.78
CA GLY A 14 -2.43 3.66 3.38
C GLY A 14 -1.07 3.93 2.80
N CYS A 15 -0.61 3.02 1.94
CA CYS A 15 0.70 3.17 1.30
C CYS A 15 0.66 4.20 0.19
N SER A 16 1.72 4.99 0.07
CA SER A 16 1.80 6.02 -0.96
C SER A 16 2.32 5.44 -2.27
N GLN A 17 3.36 4.62 -2.18
CA GLN A 17 3.94 4.00 -3.36
C GLN A 17 2.89 3.26 -4.17
N CYS A 18 1.95 2.62 -3.47
CA CYS A 18 0.88 1.88 -4.12
C CYS A 18 -0.49 2.38 -3.67
N ALA A 19 -1.54 1.74 -4.16
CA ALA A 19 -2.90 2.12 -3.81
C ALA A 19 -3.56 1.06 -2.93
N LYS A 20 -3.13 1.00 -1.67
CA LYS A 20 -3.67 0.03 -0.72
C LYS A 20 -3.86 0.66 0.65
N THR A 21 -5.05 0.49 1.22
CA THR A 21 -5.37 1.05 2.53
C THR A 21 -5.56 -0.06 3.56
N PHE A 22 -5.24 0.24 4.82
CA PHE A 22 -5.38 -0.72 5.91
C PHE A 22 -6.11 -0.10 7.09
N SER A 23 -6.70 -0.96 7.92
CA SER A 23 -7.42 -0.50 9.09
C SER A 23 -6.48 -0.24 10.26
N LEU A 24 -5.53 -1.16 10.47
CA LEU A 24 -4.57 -1.02 11.54
C LEU A 24 -3.23 -0.49 11.02
N LYS A 25 -2.59 0.35 11.81
CA LYS A 25 -1.30 0.94 11.42
C LYS A 25 -0.27 -0.16 11.17
N SER A 26 -0.13 -1.07 12.13
CA SER A 26 0.82 -2.17 12.01
C SER A 26 0.75 -2.81 10.63
N GLN A 27 -0.46 -3.11 10.19
CA GLN A 27 -0.67 -3.72 8.88
C GLN A 27 0.11 -2.98 7.80
N LEU A 28 0.03 -1.66 7.83
CA LEU A 28 0.72 -0.82 6.86
C LEU A 28 2.23 -1.02 6.95
N ILE A 29 2.75 -0.98 8.17
CA ILE A 29 4.17 -1.15 8.40
C ILE A 29 4.70 -2.41 7.73
N VAL A 30 4.13 -3.56 8.11
CA VAL A 30 4.53 -4.84 7.55
C VAL A 30 4.46 -4.81 6.03
N HIS A 31 3.39 -4.24 5.50
CA HIS A 31 3.21 -4.14 4.05
C HIS A 31 4.38 -3.42 3.40
N GLN A 32 4.70 -2.23 3.92
CA GLN A 32 5.81 -1.45 3.38
C GLN A 32 6.98 -2.35 2.98
N ARG A 33 7.10 -3.49 3.65
CA ARG A 33 8.17 -4.43 3.36
C ARG A 33 7.80 -5.33 2.19
N SER A 34 7.20 -4.73 1.17
CA SER A 34 6.79 -5.48 -0.03
C SER A 34 7.33 -4.82 -1.29
N HIS A 35 7.51 -3.50 -1.24
CA HIS A 35 8.02 -2.76 -2.38
C HIS A 35 9.54 -2.76 -2.39
N THR A 36 10.13 -3.88 -1.98
CA THR A 36 11.58 -4.01 -1.95
C THR A 36 12.04 -5.26 -2.69
N GLY A 37 12.18 -5.14 -4.01
CA GLY A 37 12.63 -6.27 -4.81
C GLY A 37 11.47 -6.97 -5.49
N VAL A 38 11.34 -6.77 -6.80
CA VAL A 38 10.26 -7.39 -7.57
C VAL A 38 10.75 -7.85 -8.93
N LYS A 39 10.18 -8.94 -9.43
CA LYS A 39 10.56 -9.48 -10.73
C LYS A 39 9.99 -8.64 -11.86
N PRO A 40 10.69 -8.61 -13.00
CA PRO A 40 10.26 -7.84 -14.18
C PRO A 40 9.05 -8.46 -14.85
N SER A 41 8.86 -9.76 -14.65
CA SER A 41 7.73 -10.46 -15.25
C SER A 41 6.84 -11.08 -14.16
N GLY A 42 5.82 -10.33 -13.76
CA GLY A 42 4.91 -10.82 -12.73
C GLY A 42 3.46 -10.49 -13.05
N PRO A 43 2.54 -11.25 -12.44
CA PRO A 43 1.10 -11.07 -12.64
C PRO A 43 0.59 -9.78 -12.00
N SER A 44 1.50 -9.04 -11.37
CA SER A 44 1.15 -7.79 -10.71
C SER A 44 0.41 -6.85 -11.67
N SER A 45 -0.45 -6.00 -11.12
CA SER A 45 -1.21 -5.07 -11.93
C SER A 45 -0.78 -3.63 -11.65
N GLY A 46 -0.90 -3.21 -10.40
CA GLY A 46 -0.52 -1.86 -10.02
C GLY A 46 0.82 -1.45 -10.61
ZN ZN B . 2.40 -0.24 -0.99
N GLY A 1 -7.08 16.35 -15.10
CA GLY A 1 -8.21 15.52 -14.77
C GLY A 1 -8.65 15.66 -13.32
N SER A 2 -8.99 14.55 -12.69
CA SER A 2 -9.42 14.56 -11.30
C SER A 2 -9.12 13.23 -10.63
N SER A 3 -8.75 13.30 -9.35
CA SER A 3 -8.43 12.09 -8.58
C SER A 3 -9.56 11.74 -7.62
N GLY A 4 -10.13 10.55 -7.79
CA GLY A 4 -11.21 10.12 -6.93
C GLY A 4 -11.00 8.71 -6.41
N SER A 5 -10.86 8.58 -5.10
CA SER A 5 -10.65 7.28 -4.47
C SER A 5 -9.28 6.72 -4.83
N SER A 6 -8.26 7.58 -4.76
CA SER A 6 -6.90 7.18 -5.09
C SER A 6 -5.96 7.49 -3.92
N GLY A 7 -5.89 6.58 -2.95
CA GLY A 7 -5.03 6.78 -1.81
C GLY A 7 -5.79 6.74 -0.49
N THR A 8 -6.12 7.91 0.03
CA THR A 8 -6.84 8.01 1.29
C THR A 8 -8.34 8.24 1.05
N GLY A 9 -9.17 7.47 1.73
CA GLY A 9 -10.61 7.60 1.58
C GLY A 9 -11.35 7.47 2.88
N VAL A 10 -11.35 6.26 3.44
CA VAL A 10 -12.03 6.00 4.70
C VAL A 10 -11.05 5.50 5.76
N LYS A 11 -10.04 4.76 5.32
CA LYS A 11 -9.03 4.21 6.23
C LYS A 11 -8.04 5.30 6.65
N PRO A 12 -7.64 5.27 7.92
CA PRO A 12 -6.68 6.24 8.47
C PRO A 12 -5.27 6.06 7.92
N TYR A 13 -4.97 4.84 7.49
CA TYR A 13 -3.66 4.52 6.94
C TYR A 13 -3.75 4.24 5.44
N GLY A 14 -2.63 4.43 4.74
CA GLY A 14 -2.61 4.18 3.31
C GLY A 14 -1.20 4.19 2.74
N CYS A 15 -1.00 3.47 1.64
CA CYS A 15 0.30 3.40 1.01
C CYS A 15 0.39 4.35 -0.18
N SER A 16 1.60 4.85 -0.45
CA SER A 16 1.82 5.78 -1.55
C SER A 16 2.23 5.03 -2.81
N GLN A 17 3.27 4.21 -2.68
CA GLN A 17 3.77 3.44 -3.82
C GLN A 17 2.64 2.77 -4.58
N CYS A 18 1.65 2.29 -3.84
CA CYS A 18 0.49 1.62 -4.46
C CYS A 18 -0.81 2.07 -3.78
N ALA A 19 -1.89 2.11 -4.56
CA ALA A 19 -3.18 2.52 -4.04
C ALA A 19 -3.78 1.45 -3.13
N LYS A 20 -3.31 1.40 -1.89
CA LYS A 20 -3.79 0.42 -0.93
C LYS A 20 -4.01 1.06 0.44
N THR A 21 -5.00 0.58 1.17
CA THR A 21 -5.31 1.10 2.50
C THR A 21 -5.32 -0.01 3.54
N PHE A 22 -5.04 0.36 4.79
CA PHE A 22 -5.02 -0.61 5.89
C PHE A 22 -5.84 -0.10 7.07
N SER A 23 -6.65 -0.99 7.64
CA SER A 23 -7.48 -0.63 8.78
C SER A 23 -6.63 -0.32 10.00
N LEU A 24 -5.66 -1.18 10.27
CA LEU A 24 -4.77 -1.01 11.42
C LEU A 24 -3.43 -0.42 10.98
N LYS A 25 -2.56 -0.19 11.94
CA LYS A 25 -1.23 0.36 11.66
C LYS A 25 -0.24 -0.75 11.33
N SER A 26 -0.14 -1.73 12.24
CA SER A 26 0.78 -2.84 12.05
C SER A 26 0.72 -3.36 10.61
N GLN A 27 -0.49 -3.51 10.09
CA GLN A 27 -0.69 -3.99 8.72
C GLN A 27 0.17 -3.19 7.74
N LEU A 28 0.15 -1.87 7.88
CA LEU A 28 0.92 -0.99 7.01
C LEU A 28 2.42 -1.18 7.23
N ILE A 29 2.84 -1.04 8.49
CA ILE A 29 4.25 -1.20 8.83
C ILE A 29 4.85 -2.41 8.16
N VAL A 30 4.18 -3.55 8.27
CA VAL A 30 4.65 -4.79 7.67
C VAL A 30 4.61 -4.70 6.14
N HIS A 31 3.56 -4.08 5.62
CA HIS A 31 3.41 -3.92 4.18
C HIS A 31 4.62 -3.21 3.57
N GLN A 32 5.03 -2.12 4.19
CA GLN A 32 6.17 -1.34 3.71
C GLN A 32 7.36 -2.26 3.44
N ARG A 33 7.45 -3.33 4.21
CA ARG A 33 8.55 -4.28 4.06
C ARG A 33 8.19 -5.36 3.05
N SER A 34 7.52 -4.97 1.98
CA SER A 34 7.12 -5.90 0.94
C SER A 34 7.59 -5.43 -0.43
N HIS A 35 7.49 -4.13 -0.67
CA HIS A 35 7.92 -3.55 -1.94
C HIS A 35 9.35 -3.96 -2.27
N THR A 36 10.26 -3.70 -1.35
CA THR A 36 11.67 -4.04 -1.55
C THR A 36 11.84 -5.49 -1.97
N GLY A 37 12.87 -5.76 -2.76
CA GLY A 37 13.11 -7.12 -3.21
C GLY A 37 13.89 -7.16 -4.53
N VAL A 38 14.98 -7.92 -4.54
CA VAL A 38 15.80 -8.03 -5.74
C VAL A 38 14.95 -8.33 -6.96
N LYS A 39 15.35 -7.77 -8.11
CA LYS A 39 14.62 -7.99 -9.35
C LYS A 39 15.27 -9.09 -10.18
N PRO A 40 14.45 -9.88 -10.87
CA PRO A 40 14.93 -10.98 -11.72
C PRO A 40 15.65 -10.48 -12.96
N SER A 41 15.17 -9.37 -13.52
CA SER A 41 15.77 -8.80 -14.72
C SER A 41 16.97 -7.93 -14.36
N GLY A 42 17.75 -7.57 -15.37
CA GLY A 42 18.93 -6.75 -15.14
C GLY A 42 20.12 -7.21 -15.95
N PRO A 43 20.81 -8.25 -15.45
CA PRO A 43 21.99 -8.81 -16.11
C PRO A 43 21.64 -9.55 -17.39
N SER A 44 22.57 -9.56 -18.34
CA SER A 44 22.36 -10.22 -19.62
C SER A 44 21.70 -11.59 -19.41
N SER A 45 20.79 -11.94 -20.32
CA SER A 45 20.09 -13.21 -20.24
C SER A 45 19.54 -13.44 -18.84
N GLY A 46 19.00 -12.38 -18.24
CA GLY A 46 18.45 -12.49 -16.90
C GLY A 46 17.04 -11.95 -16.81
ZN ZN B . 2.49 -0.40 -0.99
N GLY A 1 -6.32 14.94 -14.83
CA GLY A 1 -7.18 14.75 -13.69
C GLY A 1 -7.74 13.35 -13.59
N SER A 2 -7.52 12.71 -12.45
CA SER A 2 -8.00 11.34 -12.23
C SER A 2 -9.42 11.35 -11.69
N SER A 3 -9.99 10.15 -11.51
CA SER A 3 -11.34 10.01 -10.99
C SER A 3 -11.51 10.76 -9.68
N GLY A 4 -12.75 10.90 -9.24
CA GLY A 4 -13.02 11.60 -7.99
C GLY A 4 -13.34 10.65 -6.86
N SER A 5 -14.63 10.49 -6.57
CA SER A 5 -15.07 9.62 -5.48
C SER A 5 -14.94 8.15 -5.90
N SER A 6 -13.82 7.53 -5.55
CA SER A 6 -13.57 6.14 -5.88
C SER A 6 -13.06 5.37 -4.66
N GLY A 7 -13.70 4.24 -4.37
CA GLY A 7 -13.30 3.43 -3.23
C GLY A 7 -14.18 3.65 -2.03
N THR A 8 -14.82 2.59 -1.56
CA THR A 8 -15.70 2.67 -0.40
C THR A 8 -15.03 2.10 0.85
N GLY A 9 -14.93 2.93 1.89
CA GLY A 9 -14.30 2.48 3.12
C GLY A 9 -12.82 2.77 3.16
N VAL A 10 -12.47 4.05 3.07
CA VAL A 10 -11.07 4.47 3.09
C VAL A 10 -10.49 4.37 4.50
N LYS A 11 -9.27 3.83 4.59
CA LYS A 11 -8.61 3.68 5.88
C LYS A 11 -7.65 4.84 6.14
N PRO A 12 -7.47 5.18 7.42
CA PRO A 12 -6.59 6.27 7.84
C PRO A 12 -5.12 5.95 7.61
N TYR A 13 -4.85 4.71 7.22
CA TYR A 13 -3.48 4.27 6.96
C TYR A 13 -3.34 3.67 5.56
N GLY A 14 -2.89 4.50 4.62
CA GLY A 14 -2.73 4.04 3.25
C GLY A 14 -1.28 4.02 2.81
N CYS A 15 -1.02 3.49 1.63
CA CYS A 15 0.34 3.40 1.10
C CYS A 15 0.54 4.42 -0.03
N SER A 16 1.64 5.17 0.04
CA SER A 16 1.95 6.17 -0.97
C SER A 16 2.62 5.53 -2.18
N GLN A 17 3.19 4.35 -1.97
CA GLN A 17 3.87 3.63 -3.05
C GLN A 17 2.86 3.02 -4.01
N CYS A 18 1.72 2.61 -3.48
CA CYS A 18 0.66 2.00 -4.28
C CYS A 18 -0.71 2.25 -3.68
N ALA A 19 -1.75 1.76 -4.34
CA ALA A 19 -3.12 1.93 -3.86
C ALA A 19 -3.49 0.84 -2.87
N LYS A 20 -2.96 0.94 -1.65
CA LYS A 20 -3.23 -0.04 -0.61
C LYS A 20 -3.75 0.65 0.65
N THR A 21 -4.77 0.06 1.26
CA THR A 21 -5.36 0.61 2.48
C THR A 21 -5.28 -0.39 3.63
N PHE A 22 -5.26 0.12 4.86
CA PHE A 22 -5.18 -0.72 6.04
C PHE A 22 -5.78 -0.01 7.25
N SER A 23 -6.61 -0.73 8.00
CA SER A 23 -7.24 -0.17 9.19
C SER A 23 -6.23 0.05 10.30
N LEU A 24 -5.43 -0.99 10.57
CA LEU A 24 -4.42 -0.91 11.62
C LEU A 24 -3.06 -0.58 11.03
N LYS A 25 -2.35 0.36 11.66
CA LYS A 25 -1.04 0.77 11.20
C LYS A 25 -0.13 -0.44 10.96
N SER A 26 -0.06 -1.33 11.95
CA SER A 26 0.76 -2.52 11.85
C SER A 26 0.62 -3.17 10.49
N GLN A 27 -0.62 -3.41 10.08
CA GLN A 27 -0.90 -4.02 8.79
C GLN A 27 -0.12 -3.33 7.67
N LEU A 28 -0.15 -1.99 7.69
CA LEU A 28 0.55 -1.21 6.68
C LEU A 28 2.06 -1.32 6.85
N ILE A 29 2.54 -1.04 8.06
CA ILE A 29 3.97 -1.13 8.35
C ILE A 29 4.58 -2.38 7.75
N VAL A 30 3.94 -3.52 7.96
CA VAL A 30 4.42 -4.79 7.43
C VAL A 30 4.41 -4.79 5.90
N HIS A 31 3.33 -4.28 5.33
CA HIS A 31 3.20 -4.21 3.87
C HIS A 31 4.31 -3.38 3.27
N GLN A 32 4.61 -2.25 3.89
CA GLN A 32 5.66 -1.35 3.41
C GLN A 32 6.98 -2.09 3.27
N ARG A 33 7.16 -3.14 4.08
CA ARG A 33 8.38 -3.93 4.05
C ARG A 33 8.28 -5.04 3.01
N SER A 34 7.72 -4.71 1.84
CA SER A 34 7.57 -5.68 0.77
C SER A 34 8.03 -5.10 -0.56
N HIS A 35 7.79 -3.80 -0.75
CA HIS A 35 8.18 -3.12 -1.98
C HIS A 35 9.65 -3.39 -2.31
N THR A 36 10.51 -3.18 -1.31
CA THR A 36 11.94 -3.40 -1.50
C THR A 36 12.22 -4.72 -2.23
N GLY A 37 13.39 -4.81 -2.85
CA GLY A 37 13.75 -6.02 -3.57
C GLY A 37 14.45 -7.03 -2.70
N VAL A 38 13.69 -7.63 -1.76
CA VAL A 38 14.24 -8.63 -0.86
C VAL A 38 15.23 -9.54 -1.59
N LYS A 39 16.23 -10.02 -0.86
CA LYS A 39 17.24 -10.91 -1.43
C LYS A 39 16.59 -12.02 -2.25
N PRO A 40 17.19 -12.33 -3.41
CA PRO A 40 16.69 -13.39 -4.30
C PRO A 40 16.85 -14.77 -3.71
N SER A 41 15.73 -15.40 -3.36
CA SER A 41 15.75 -16.75 -2.78
C SER A 41 14.36 -17.36 -2.78
N GLY A 42 14.17 -18.41 -3.57
CA GLY A 42 12.88 -19.07 -3.64
C GLY A 42 12.34 -19.14 -5.05
N PRO A 43 11.62 -18.09 -5.47
CA PRO A 43 11.04 -18.01 -6.81
C PRO A 43 12.10 -17.85 -7.90
N SER A 44 11.65 -17.87 -9.15
CA SER A 44 12.57 -17.73 -10.28
C SER A 44 12.25 -16.47 -11.07
N SER A 45 10.98 -16.28 -11.39
CA SER A 45 10.54 -15.11 -12.16
C SER A 45 9.72 -14.17 -11.28
N GLY A 46 9.32 -13.04 -11.86
CA GLY A 46 8.53 -12.06 -11.11
C GLY A 46 9.00 -10.65 -11.35
ZN ZN B . 2.50 -0.36 -1.05
N GLY A 1 -22.28 21.75 -6.29
CA GLY A 1 -22.49 21.58 -4.87
C GLY A 1 -22.92 20.18 -4.51
N SER A 2 -22.28 19.61 -3.49
CA SER A 2 -22.60 18.25 -3.05
C SER A 2 -22.11 18.01 -1.62
N SER A 3 -22.75 17.07 -0.94
CA SER A 3 -22.39 16.74 0.43
C SER A 3 -21.83 15.33 0.53
N GLY A 4 -21.26 14.99 1.68
CA GLY A 4 -20.69 13.66 1.87
C GLY A 4 -19.31 13.53 1.28
N SER A 5 -18.38 13.01 2.06
CA SER A 5 -17.00 12.82 1.60
C SER A 5 -16.25 11.85 2.49
N SER A 6 -15.87 10.72 1.92
CA SER A 6 -15.14 9.69 2.67
C SER A 6 -13.66 10.02 2.73
N GLY A 7 -13.10 10.06 3.94
CA GLY A 7 -11.70 10.37 4.11
C GLY A 7 -11.16 9.90 5.46
N THR A 8 -11.18 10.79 6.43
CA THR A 8 -10.70 10.48 7.77
C THR A 8 -11.67 9.58 8.51
N GLY A 9 -11.14 8.69 9.35
CA GLY A 9 -11.99 7.79 10.11
C GLY A 9 -11.54 6.34 9.98
N VAL A 10 -12.03 5.66 8.95
CA VAL A 10 -11.69 4.26 8.71
C VAL A 10 -10.55 4.15 7.71
N LYS A 11 -9.77 3.07 7.82
CA LYS A 11 -8.65 2.84 6.93
C LYS A 11 -7.78 4.08 6.81
N PRO A 12 -7.48 4.70 7.96
CA PRO A 12 -6.65 5.91 8.02
C PRO A 12 -5.18 5.62 7.68
N TYR A 13 -4.87 4.34 7.46
CA TYR A 13 -3.52 3.93 7.14
C TYR A 13 -3.43 3.42 5.70
N GLY A 14 -2.83 4.22 4.83
CA GLY A 14 -2.69 3.82 3.44
C GLY A 14 -1.25 3.82 2.97
N CYS A 15 -1.01 3.32 1.77
CA CYS A 15 0.34 3.26 1.21
C CYS A 15 0.50 4.26 0.06
N SER A 16 1.69 4.83 -0.03
CA SER A 16 1.99 5.81 -1.08
C SER A 16 2.54 5.13 -2.33
N GLN A 17 3.55 4.29 -2.12
CA GLN A 17 4.18 3.58 -3.24
C GLN A 17 3.13 2.99 -4.17
N CYS A 18 2.08 2.42 -3.58
CA CYS A 18 1.00 1.82 -4.36
C CYS A 18 -0.36 2.28 -3.85
N ALA A 19 -1.42 1.80 -4.49
CA ALA A 19 -2.78 2.16 -4.10
C ALA A 19 -3.40 1.09 -3.21
N LYS A 20 -3.25 1.27 -1.90
CA LYS A 20 -3.80 0.31 -0.94
C LYS A 20 -4.17 1.01 0.36
N THR A 21 -5.04 0.38 1.15
CA THR A 21 -5.47 0.94 2.43
C THR A 21 -5.45 -0.11 3.52
N PHE A 22 -5.38 0.35 4.76
CA PHE A 22 -5.35 -0.56 5.91
C PHE A 22 -6.01 0.08 7.13
N SER A 23 -6.62 -0.76 7.97
CA SER A 23 -7.31 -0.28 9.16
C SER A 23 -6.33 -0.08 10.31
N LEU A 24 -5.46 -1.07 10.51
CA LEU A 24 -4.47 -1.00 11.58
C LEU A 24 -3.11 -0.57 11.03
N LYS A 25 -2.39 0.24 11.82
CA LYS A 25 -1.09 0.73 11.42
C LYS A 25 -0.13 -0.44 11.14
N SER A 26 0.06 -1.29 12.15
CA SER A 26 0.94 -2.43 12.02
C SER A 26 0.80 -3.08 10.63
N GLN A 27 -0.43 -3.30 10.21
CA GLN A 27 -0.70 -3.91 8.91
C GLN A 27 0.02 -3.15 7.80
N LEU A 28 -0.12 -1.83 7.80
CA LEU A 28 0.53 -1.00 6.80
C LEU A 28 2.04 -1.01 6.97
N ILE A 29 2.50 -0.81 8.20
CA ILE A 29 3.92 -0.79 8.50
C ILE A 29 4.62 -2.02 7.92
N VAL A 30 4.01 -3.18 8.12
CA VAL A 30 4.57 -4.44 7.62
C VAL A 30 4.48 -4.50 6.10
N HIS A 31 3.28 -4.28 5.57
CA HIS A 31 3.06 -4.31 4.13
C HIS A 31 4.16 -3.55 3.40
N GLN A 32 4.46 -2.35 3.89
CA GLN A 32 5.50 -1.52 3.27
C GLN A 32 6.71 -2.35 2.89
N ARG A 33 7.13 -3.23 3.80
CA ARG A 33 8.28 -4.10 3.56
C ARG A 33 8.20 -4.74 2.18
N SER A 34 7.03 -5.29 1.85
CA SER A 34 6.82 -5.95 0.57
C SER A 34 7.61 -5.24 -0.53
N HIS A 35 7.52 -3.92 -0.56
CA HIS A 35 8.22 -3.12 -1.57
C HIS A 35 9.73 -3.28 -1.43
N THR A 36 10.23 -3.10 -0.21
CA THR A 36 11.66 -3.22 0.05
C THR A 36 12.15 -4.62 -0.25
N GLY A 37 11.58 -5.62 0.44
CA GLY A 37 11.98 -6.99 0.22
C GLY A 37 12.02 -7.37 -1.24
N VAL A 38 13.23 -7.55 -1.78
CA VAL A 38 13.39 -7.91 -3.18
C VAL A 38 12.38 -8.95 -3.60
N LYS A 39 12.17 -9.08 -4.92
CA LYS A 39 11.22 -10.03 -5.46
C LYS A 39 11.72 -10.61 -6.78
N PRO A 40 11.44 -11.90 -7.00
CA PRO A 40 11.86 -12.61 -8.22
C PRO A 40 11.09 -12.12 -9.45
N SER A 41 10.21 -11.16 -9.25
CA SER A 41 9.41 -10.62 -10.34
C SER A 41 9.96 -9.26 -10.79
N GLY A 42 9.66 -8.89 -12.04
CA GLY A 42 10.13 -7.63 -12.56
C GLY A 42 11.04 -7.81 -13.77
N PRO A 43 10.43 -8.01 -14.95
CA PRO A 43 11.17 -8.20 -16.20
C PRO A 43 11.85 -6.93 -16.67
N SER A 44 11.71 -5.86 -15.88
CA SER A 44 12.32 -4.57 -16.22
C SER A 44 13.80 -4.74 -16.53
N SER A 45 14.53 -5.34 -15.59
CA SER A 45 15.96 -5.54 -15.76
C SER A 45 16.25 -6.98 -16.18
N GLY A 46 17.30 -7.16 -16.98
CA GLY A 46 17.67 -8.49 -17.45
C GLY A 46 17.42 -8.68 -18.93
ZN ZN B . 2.33 -0.55 -0.69
N GLY A 1 -10.10 3.55 -23.95
CA GLY A 1 -11.33 4.29 -24.06
C GLY A 1 -12.29 3.99 -22.93
N SER A 2 -13.14 4.95 -22.58
CA SER A 2 -14.10 4.78 -21.51
C SER A 2 -13.40 4.51 -20.18
N SER A 3 -12.36 5.29 -19.91
CA SER A 3 -11.59 5.14 -18.67
C SER A 3 -11.94 6.25 -17.68
N GLY A 4 -12.63 5.88 -16.60
CA GLY A 4 -13.01 6.86 -15.60
C GLY A 4 -12.25 6.67 -14.30
N SER A 5 -12.32 7.67 -13.43
CA SER A 5 -11.62 7.62 -12.14
C SER A 5 -12.60 7.85 -10.99
N SER A 6 -12.26 7.32 -9.82
CA SER A 6 -13.11 7.47 -8.64
C SER A 6 -12.38 8.27 -7.56
N GLY A 7 -13.10 8.53 -6.46
CA GLY A 7 -12.51 9.29 -5.37
C GLY A 7 -13.25 9.07 -4.06
N THR A 8 -12.83 8.06 -3.30
CA THR A 8 -13.46 7.75 -2.03
C THR A 8 -12.45 7.19 -1.03
N GLY A 9 -12.70 7.42 0.26
CA GLY A 9 -11.80 6.92 1.29
C GLY A 9 -12.53 6.15 2.38
N VAL A 10 -11.91 5.08 2.86
CA VAL A 10 -12.50 4.26 3.90
C VAL A 10 -11.58 4.15 5.11
N LYS A 11 -10.35 3.69 4.86
CA LYS A 11 -9.37 3.54 5.93
C LYS A 11 -8.44 4.74 5.98
N PRO A 12 -8.12 5.21 7.20
CA PRO A 12 -7.24 6.35 7.42
C PRO A 12 -5.78 6.05 7.06
N TYR A 13 -5.43 4.76 7.10
CA TYR A 13 -4.07 4.34 6.78
C TYR A 13 -3.99 3.82 5.35
N GLY A 14 -3.32 4.59 4.49
CA GLY A 14 -3.18 4.19 3.10
C GLY A 14 -1.75 4.26 2.62
N CYS A 15 -1.30 3.20 1.96
CA CYS A 15 0.07 3.14 1.45
C CYS A 15 0.32 4.24 0.42
N SER A 16 1.54 4.76 0.41
CA SER A 16 1.90 5.83 -0.52
C SER A 16 2.50 5.25 -1.80
N GLN A 17 3.55 4.44 -1.65
CA GLN A 17 4.21 3.82 -2.79
C GLN A 17 3.18 3.24 -3.76
N CYS A 18 2.14 2.62 -3.22
CA CYS A 18 1.10 2.02 -4.04
C CYS A 18 -0.28 2.42 -3.54
N ALA A 19 -1.32 1.88 -4.17
CA ALA A 19 -2.69 2.19 -3.79
C ALA A 19 -3.27 1.11 -2.89
N LYS A 20 -2.86 1.11 -1.63
CA LYS A 20 -3.34 0.12 -0.68
C LYS A 20 -3.86 0.80 0.59
N THR A 21 -4.82 0.16 1.25
CA THR A 21 -5.40 0.71 2.48
C THR A 21 -5.25 -0.28 3.63
N PHE A 22 -5.38 0.24 4.85
CA PHE A 22 -5.26 -0.60 6.05
C PHE A 22 -5.98 0.05 7.24
N SER A 23 -6.46 -0.78 8.15
CA SER A 23 -7.16 -0.29 9.33
C SER A 23 -6.21 -0.12 10.50
N LEU A 24 -5.16 -0.94 10.53
CA LEU A 24 -4.18 -0.88 11.60
C LEU A 24 -2.80 -0.54 11.04
N LYS A 25 -2.19 0.52 11.59
CA LYS A 25 -0.88 0.95 11.15
C LYS A 25 0.08 -0.22 11.03
N SER A 26 0.07 -1.10 12.04
CA SER A 26 0.93 -2.27 12.04
C SER A 26 0.91 -2.97 10.69
N GLN A 27 -0.30 -3.27 10.21
CA GLN A 27 -0.45 -3.94 8.92
C GLN A 27 0.32 -3.22 7.82
N LEU A 28 0.00 -1.94 7.64
CA LEU A 28 0.67 -1.13 6.62
C LEU A 28 2.19 -1.23 6.75
N ILE A 29 2.69 -0.96 7.95
CA ILE A 29 4.14 -1.03 8.20
C ILE A 29 4.71 -2.35 7.69
N VAL A 30 4.03 -3.44 7.99
CA VAL A 30 4.49 -4.76 7.56
C VAL A 30 4.40 -4.90 6.04
N HIS A 31 3.27 -4.48 5.48
CA HIS A 31 3.06 -4.56 4.04
C HIS A 31 4.15 -3.80 3.29
N GLN A 32 4.52 -2.64 3.81
CA GLN A 32 5.55 -1.81 3.20
C GLN A 32 6.73 -2.66 2.74
N ARG A 33 7.19 -3.55 3.61
CA ARG A 33 8.31 -4.43 3.29
C ARG A 33 8.12 -5.09 1.94
N SER A 34 6.89 -5.50 1.66
CA SER A 34 6.56 -6.16 0.39
C SER A 34 7.36 -5.54 -0.75
N HIS A 35 7.25 -4.22 -0.90
CA HIS A 35 7.95 -3.50 -1.95
C HIS A 35 9.45 -3.80 -1.90
N THR A 36 10.05 -3.60 -0.73
CA THR A 36 11.47 -3.83 -0.55
C THR A 36 11.87 -5.22 -1.05
N GLY A 37 12.55 -5.25 -2.19
CA GLY A 37 12.97 -6.51 -2.75
C GLY A 37 12.22 -6.87 -4.02
N VAL A 38 11.01 -7.41 -3.85
CA VAL A 38 10.18 -7.79 -4.99
C VAL A 38 10.25 -6.76 -6.09
N LYS A 39 10.10 -5.49 -5.73
CA LYS A 39 10.16 -4.40 -6.69
C LYS A 39 11.37 -4.54 -7.60
N PRO A 40 11.20 -4.16 -8.88
CA PRO A 40 12.27 -4.24 -9.88
C PRO A 40 13.37 -3.20 -9.62
N SER A 41 14.56 -3.48 -10.12
CA SER A 41 15.70 -2.59 -9.94
C SER A 41 15.49 -1.30 -10.74
N GLY A 42 15.19 -0.22 -10.02
CA GLY A 42 14.97 1.06 -10.68
C GLY A 42 16.18 1.97 -10.58
N PRO A 43 16.11 3.14 -11.24
CA PRO A 43 17.20 4.12 -11.23
C PRO A 43 17.36 4.79 -9.88
N SER A 44 18.16 4.18 -9.01
CA SER A 44 18.39 4.72 -7.67
C SER A 44 19.79 5.32 -7.57
N SER A 45 19.97 6.23 -6.61
CA SER A 45 21.26 6.88 -6.42
C SER A 45 22.17 6.05 -5.53
N GLY A 46 21.65 5.66 -4.37
CA GLY A 46 22.42 4.85 -3.44
C GLY A 46 22.24 5.29 -1.99
ZN ZN B . 2.34 -0.65 -0.49
N GLY A 1 -0.02 11.84 -13.69
CA GLY A 1 -1.08 10.87 -13.50
C GLY A 1 -1.52 10.76 -12.06
N SER A 2 -1.92 9.55 -11.66
CA SER A 2 -2.38 9.32 -10.29
C SER A 2 -3.68 10.08 -10.02
N SER A 3 -4.58 10.04 -10.99
CA SER A 3 -5.86 10.72 -10.86
C SER A 3 -6.44 10.55 -9.45
N GLY A 4 -6.61 11.67 -8.76
CA GLY A 4 -7.14 11.62 -7.41
C GLY A 4 -8.28 12.61 -7.19
N SER A 5 -9.13 12.32 -6.21
CA SER A 5 -10.26 13.19 -5.91
C SER A 5 -10.13 13.80 -4.52
N SER A 6 -10.91 14.84 -4.26
CA SER A 6 -10.88 15.52 -2.96
C SER A 6 -11.56 14.68 -1.89
N GLY A 7 -10.79 13.85 -1.21
CA GLY A 7 -11.34 13.00 -0.17
C GLY A 7 -10.41 11.89 0.23
N THR A 8 -10.99 10.75 0.61
CA THR A 8 -10.20 9.59 1.02
C THR A 8 -11.05 8.33 1.05
N GLY A 9 -10.39 7.18 0.97
CA GLY A 9 -11.11 5.91 0.99
C GLY A 9 -11.90 5.72 2.27
N VAL A 10 -12.00 4.47 2.72
CA VAL A 10 -12.74 4.15 3.93
C VAL A 10 -11.80 3.74 5.06
N LYS A 11 -10.51 4.00 4.87
CA LYS A 11 -9.51 3.65 5.86
C LYS A 11 -8.58 4.83 6.13
N PRO A 12 -8.16 4.98 7.40
CA PRO A 12 -7.26 6.06 7.82
C PRO A 12 -5.86 5.89 7.26
N TYR A 13 -5.30 4.70 7.44
CA TYR A 13 -3.95 4.41 6.96
C TYR A 13 -3.96 4.12 5.46
N GLY A 14 -2.83 4.38 4.81
CA GLY A 14 -2.72 4.14 3.38
C GLY A 14 -1.29 4.07 2.91
N CYS A 15 -1.05 3.28 1.87
CA CYS A 15 0.30 3.13 1.32
C CYS A 15 0.60 4.23 0.29
N SER A 16 1.85 4.67 0.26
CA SER A 16 2.25 5.71 -0.68
C SER A 16 2.79 5.10 -1.98
N GLN A 17 3.66 4.10 -1.84
CA GLN A 17 4.23 3.44 -3.00
C GLN A 17 3.14 2.91 -3.93
N CYS A 18 2.10 2.33 -3.35
CA CYS A 18 0.99 1.79 -4.12
C CYS A 18 -0.34 2.35 -3.63
N ALA A 19 -1.43 1.85 -4.20
CA ALA A 19 -2.77 2.29 -3.82
C ALA A 19 -3.47 1.27 -2.95
N LYS A 20 -3.11 1.22 -1.68
CA LYS A 20 -3.70 0.27 -0.74
C LYS A 20 -3.94 0.93 0.62
N THR A 21 -4.87 0.37 1.39
CA THR A 21 -5.19 0.90 2.70
C THR A 21 -5.42 -0.23 3.71
N PHE A 22 -5.18 0.07 4.98
CA PHE A 22 -5.35 -0.92 6.04
C PHE A 22 -6.22 -0.37 7.17
N SER A 23 -6.60 -1.23 8.09
CA SER A 23 -7.44 -0.84 9.22
C SER A 23 -6.58 -0.43 10.42
N LEU A 24 -5.31 -0.83 10.40
CA LEU A 24 -4.39 -0.50 11.48
C LEU A 24 -3.07 0.01 10.93
N LYS A 25 -2.20 0.48 11.82
CA LYS A 25 -0.90 1.00 11.42
C LYS A 25 0.10 -0.13 11.20
N SER A 26 0.03 -1.15 12.06
CA SER A 26 0.93 -2.29 11.96
C SER A 26 0.82 -2.95 10.58
N GLN A 27 -0.41 -3.14 10.13
CA GLN A 27 -0.66 -3.77 8.83
C GLN A 27 0.15 -3.06 7.74
N LEU A 28 0.01 -1.75 7.66
CA LEU A 28 0.72 -0.96 6.65
C LEU A 28 2.23 -1.17 6.77
N ILE A 29 2.77 -0.94 7.97
CA ILE A 29 4.19 -1.10 8.20
C ILE A 29 4.69 -2.43 7.64
N VAL A 30 3.97 -3.51 7.93
CA VAL A 30 4.34 -4.82 7.45
C VAL A 30 4.35 -4.88 5.93
N HIS A 31 3.26 -4.41 5.33
CA HIS A 31 3.13 -4.40 3.87
C HIS A 31 4.28 -3.62 3.23
N GLN A 32 4.48 -2.38 3.68
CA GLN A 32 5.53 -1.53 3.16
C GLN A 32 6.76 -2.37 2.78
N ARG A 33 7.11 -3.31 3.65
CA ARG A 33 8.27 -4.17 3.42
C ARG A 33 8.26 -4.72 2.00
N SER A 34 7.12 -5.25 1.57
CA SER A 34 6.99 -5.81 0.23
C SER A 34 7.64 -4.90 -0.81
N HIS A 35 7.46 -3.59 -0.63
CA HIS A 35 8.03 -2.61 -1.54
C HIS A 35 9.55 -2.59 -1.45
N THR A 36 10.06 -2.22 -0.27
CA THR A 36 11.51 -2.17 -0.05
C THR A 36 12.16 -3.52 -0.31
N GLY A 37 12.57 -3.74 -1.55
CA GLY A 37 13.21 -4.99 -1.91
C GLY A 37 14.39 -4.80 -2.85
N VAL A 38 14.09 -4.60 -4.13
CA VAL A 38 15.13 -4.41 -5.13
C VAL A 38 15.51 -2.93 -5.26
N LYS A 39 14.70 -2.08 -4.65
CA LYS A 39 14.94 -0.63 -4.69
C LYS A 39 16.25 -0.28 -3.99
N PRO A 40 16.94 0.75 -4.50
CA PRO A 40 18.21 1.21 -3.95
C PRO A 40 18.04 1.87 -2.58
N SER A 41 16.82 1.87 -2.08
CA SER A 41 16.52 2.46 -0.78
C SER A 41 17.68 2.26 0.19
N GLY A 42 18.11 3.34 0.84
CA GLY A 42 19.20 3.26 1.79
C GLY A 42 18.84 2.49 3.03
N PRO A 43 19.62 2.68 4.11
CA PRO A 43 19.40 2.00 5.38
C PRO A 43 18.13 2.49 6.08
N SER A 44 17.53 3.55 5.55
CA SER A 44 16.32 4.11 6.13
C SER A 44 16.61 4.74 7.49
N SER A 45 17.65 5.57 7.54
CA SER A 45 18.03 6.24 8.78
C SER A 45 16.82 6.84 9.48
N GLY A 46 16.51 6.34 10.67
CA GLY A 46 15.38 6.85 11.41
C GLY A 46 15.71 7.12 12.87
ZN ZN B . 2.11 -0.63 -1.07
N GLY A 1 -3.78 1.44 -18.89
CA GLY A 1 -5.20 1.47 -18.58
C GLY A 1 -5.59 0.42 -17.56
N SER A 2 -6.68 0.68 -16.84
CA SER A 2 -7.16 -0.25 -15.82
C SER A 2 -6.11 -0.47 -14.74
N SER A 3 -5.47 0.62 -14.32
CA SER A 3 -4.44 0.55 -13.29
C SER A 3 -4.43 1.83 -12.45
N GLY A 4 -4.63 1.66 -11.14
CA GLY A 4 -4.64 2.80 -10.24
C GLY A 4 -5.98 3.53 -10.25
N SER A 5 -6.94 3.01 -9.51
CA SER A 5 -8.27 3.62 -9.44
C SER A 5 -8.66 3.89 -7.99
N SER A 6 -9.51 4.90 -7.79
CA SER A 6 -9.95 5.27 -6.46
C SER A 6 -11.40 4.82 -6.23
N GLY A 7 -11.59 4.00 -5.20
CA GLY A 7 -12.91 3.50 -4.89
C GLY A 7 -13.05 3.09 -3.43
N THR A 8 -13.66 1.95 -3.19
CA THR A 8 -13.87 1.44 -1.84
C THR A 8 -12.60 1.58 -1.01
N GLY A 9 -12.76 1.77 0.30
CA GLY A 9 -11.62 1.90 1.18
C GLY A 9 -11.78 3.06 2.16
N VAL A 10 -12.05 2.73 3.41
CA VAL A 10 -12.23 3.75 4.45
C VAL A 10 -11.27 3.51 5.62
N LYS A 11 -10.01 3.85 5.41
CA LYS A 11 -9.00 3.68 6.44
C LYS A 11 -8.08 4.91 6.51
N PRO A 12 -7.68 5.27 7.75
CA PRO A 12 -6.80 6.42 7.98
C PRO A 12 -5.39 6.18 7.49
N TYR A 13 -5.02 4.92 7.36
CA TYR A 13 -3.68 4.54 6.89
C TYR A 13 -3.69 4.19 5.41
N GLY A 14 -2.56 4.39 4.75
CA GLY A 14 -2.47 4.09 3.34
C GLY A 14 -1.04 4.08 2.84
N CYS A 15 -0.80 3.40 1.73
CA CYS A 15 0.54 3.32 1.15
C CYS A 15 0.69 4.32 0.01
N SER A 16 1.89 4.88 -0.12
CA SER A 16 2.17 5.85 -1.16
C SER A 16 2.63 5.16 -2.44
N GLN A 17 3.52 4.19 -2.29
CA GLN A 17 4.05 3.44 -3.43
C GLN A 17 2.91 2.91 -4.30
N CYS A 18 1.87 2.38 -3.65
CA CYS A 18 0.72 1.84 -4.36
C CYS A 18 -0.59 2.26 -3.69
N ALA A 19 -1.70 1.84 -4.27
CA ALA A 19 -3.01 2.17 -3.72
C ALA A 19 -3.51 1.08 -2.77
N LYS A 20 -2.91 1.01 -1.59
CA LYS A 20 -3.29 0.01 -0.59
C LYS A 20 -3.58 0.68 0.75
N THR A 21 -4.70 0.31 1.35
CA THR A 21 -5.11 0.87 2.64
C THR A 21 -5.29 -0.24 3.67
N PHE A 22 -5.08 0.11 4.94
CA PHE A 22 -5.21 -0.84 6.03
C PHE A 22 -5.85 -0.20 7.26
N SER A 23 -6.72 -0.94 7.93
CA SER A 23 -7.39 -0.42 9.12
C SER A 23 -6.43 -0.27 10.28
N LEU A 24 -5.55 -1.26 10.45
CA LEU A 24 -4.57 -1.24 11.52
C LEU A 24 -3.21 -0.75 11.01
N LYS A 25 -2.53 0.05 11.82
CA LYS A 25 -1.23 0.57 11.45
C LYS A 25 -0.22 -0.55 11.24
N SER A 26 -0.20 -1.50 12.17
CA SER A 26 0.72 -2.64 12.08
C SER A 26 0.68 -3.27 10.70
N GLN A 27 -0.53 -3.46 10.17
CA GLN A 27 -0.70 -4.05 8.85
C GLN A 27 0.07 -3.26 7.80
N LEU A 28 -0.13 -1.95 7.78
CA LEU A 28 0.55 -1.08 6.83
C LEU A 28 2.07 -1.18 6.98
N ILE A 29 2.56 -0.86 8.18
CA ILE A 29 3.99 -0.92 8.46
C ILE A 29 4.63 -2.13 7.80
N VAL A 30 4.08 -3.31 8.10
CA VAL A 30 4.61 -4.55 7.53
C VAL A 30 4.45 -4.57 6.02
N HIS A 31 3.28 -4.17 5.54
CA HIS A 31 3.00 -4.13 4.10
C HIS A 31 4.11 -3.38 3.36
N GLN A 32 4.43 -2.19 3.85
CA GLN A 32 5.46 -1.37 3.21
C GLN A 32 6.69 -2.21 2.88
N ARG A 33 6.99 -3.18 3.73
CA ARG A 33 8.15 -4.05 3.53
C ARG A 33 8.22 -4.51 2.08
N SER A 34 7.09 -4.95 1.54
CA SER A 34 7.03 -5.43 0.16
C SER A 34 7.88 -4.54 -0.75
N HIS A 35 7.87 -3.24 -0.48
CA HIS A 35 8.63 -2.28 -1.27
C HIS A 35 10.08 -2.20 -0.79
N THR A 36 10.72 -3.35 -0.68
CA THR A 36 12.11 -3.41 -0.23
C THR A 36 12.81 -4.68 -0.73
N GLY A 37 14.11 -4.59 -0.94
CA GLY A 37 14.87 -5.73 -1.40
C GLY A 37 16.08 -5.33 -2.22
N VAL A 38 15.91 -5.27 -3.54
CA VAL A 38 17.01 -4.90 -4.43
C VAL A 38 16.65 -3.66 -5.24
N LYS A 39 17.65 -2.83 -5.51
CA LYS A 39 17.44 -1.61 -6.29
C LYS A 39 18.26 -1.63 -7.57
N PRO A 40 17.66 -1.13 -8.67
CA PRO A 40 18.31 -1.09 -9.97
C PRO A 40 19.45 -0.08 -10.02
N SER A 41 20.06 0.07 -11.19
CA SER A 41 21.16 1.01 -11.37
C SER A 41 20.66 2.37 -11.83
N GLY A 42 20.77 3.37 -10.94
CA GLY A 42 20.32 4.71 -11.27
C GLY A 42 19.62 5.38 -10.11
N PRO A 43 18.41 4.91 -9.78
CA PRO A 43 17.61 5.47 -8.68
C PRO A 43 18.21 5.15 -7.31
N SER A 44 18.49 6.18 -6.53
CA SER A 44 19.06 6.02 -5.21
C SER A 44 18.20 6.69 -4.14
N SER A 45 17.79 7.93 -4.42
CA SER A 45 16.97 8.69 -3.49
C SER A 45 15.94 7.78 -2.82
N GLY A 46 15.96 7.77 -1.48
CA GLY A 46 15.03 6.95 -0.73
C GLY A 46 15.56 5.54 -0.50
ZN ZN B . 2.39 -0.55 -0.84
#